data_6JKF
#
_entry.id   6JKF
#
_cell.length_a   55.767
_cell.length_b   104.997
_cell.length_c   185.868
_cell.angle_alpha   90.00
_cell.angle_beta   90.00
_cell.angle_gamma   90.00
#
_symmetry.space_group_name_H-M   'P 21 21 21'
#
loop_
_entity.id
_entity.type
_entity.pdbx_description
1 polymer Chitinase
2 non-polymer 6-azanyl-11-methyl-2-oxidanylidene-7-[[(2R)-oxolan-2-yl]methyl]-N-(pyridin-3-ylmethyl)-1,9-diaza-7-azoniatricyclo[8.4.0.0^{3,8}]tetradeca-3(8),4,6,9,11,13-hexaene-5-carboxamide
3 water water
#
_entity_poly.entity_id   1
_entity_poly.type   'polypeptide(L)'
_entity_poly.pdbx_seq_one_letter_code
;TRKAVIGYYFIPTNQINNYTETDTSVVPFPVSNITPAKAKQLTHINFSFLDINSNLECAWDPATNDAKARDVVNRLTALK
AHNPSLRIMFSIGGWYYSNDLGVSHANYVNAVKTPASRAKFAQSCVRIMKDYGFDGVDIDWEYPQAAEVDGFIAALQEIR
TLLNQQTITDGRQALPYQLTIAGAGGAFFLSRYYSKLAQIVAPLDYINLMTYDLAGPWEKVTNHQAALFGDAAGPTFYNA
LREANLGWSWEELTRAFPSPFSLTVDAAVQQHLMMEGVPSAKIVMGVPFYGRAFKGVSGGNGGQYSSHSTPGEDPYPSTD
YWLVGCEECVRDKDPRIASYRQLEQMLQGNYGYQRLWNDKTKTPYLYHAQNGLFVTYDDAESFKYKAKYIKQQQLGGVMF
WHLGQDNRNGDLLAALDRYFNAADYDDSQLDMGTGLRYTGVGPGNLPIMTAPAYVPGTTYAQGALVSYQGYVWQTKWGYI
TSAPGSDSAWLKVGRVA
;
_entity_poly.pdbx_strand_id   A,B
#
# COMPACT_ATOMS: atom_id res chain seq x y z
N THR A 1 36.35 12.42 5.38
CA THR A 1 36.16 11.93 4.01
C THR A 1 35.93 13.10 3.05
N ARG A 2 36.83 13.24 2.07
CA ARG A 2 36.67 14.28 1.07
C ARG A 2 35.39 14.07 0.28
N LYS A 3 34.63 15.14 0.08
CA LYS A 3 33.41 15.04 -0.71
C LYS A 3 33.75 14.82 -2.18
N ALA A 4 33.00 13.95 -2.83
CA ALA A 4 33.17 13.75 -4.26
C ALA A 4 32.74 14.99 -5.02
N VAL A 5 33.48 15.30 -6.09
CA VAL A 5 33.14 16.38 -7.01
C VAL A 5 33.24 15.78 -8.41
N ILE A 6 32.09 15.45 -8.99
CA ILE A 6 32.01 14.62 -10.20
C ILE A 6 31.51 15.51 -11.34
N GLY A 7 32.41 15.84 -12.26
CA GLY A 7 32.08 16.69 -13.40
C GLY A 7 32.03 15.91 -14.70
N TYR A 8 30.90 16.03 -15.40
CA TYR A 8 30.78 15.44 -16.72
C TYR A 8 31.63 16.22 -17.72
N TYR A 9 32.39 15.49 -18.54
CA TYR A 9 33.00 16.05 -19.74
C TYR A 9 32.27 15.45 -20.93
N PHE A 10 31.46 16.26 -21.61
CA PHE A 10 30.69 15.81 -22.75
C PHE A 10 31.30 16.37 -24.03
N ILE A 11 31.49 15.50 -25.01
CA ILE A 11 31.99 15.92 -26.32
C ILE A 11 31.26 15.14 -27.41
N PRO A 12 30.56 15.80 -28.32
CA PRO A 12 29.87 15.09 -29.40
C PRO A 12 30.86 14.41 -30.34
N THR A 13 30.33 13.44 -31.10
CA THR A 13 31.18 12.65 -31.98
C THR A 13 31.88 13.51 -33.03
N ASN A 14 31.13 14.42 -33.68
CA ASN A 14 31.75 15.33 -34.64
C ASN A 14 32.92 16.08 -34.03
N GLN A 15 32.81 16.50 -32.78
CA GLN A 15 33.89 17.24 -32.15
C GLN A 15 35.08 16.34 -31.84
N ILE A 16 34.83 15.06 -31.50
CA ILE A 16 35.91 14.10 -31.38
C ILE A 16 36.63 13.93 -32.71
N ASN A 17 35.86 13.70 -33.77
CA ASN A 17 36.44 13.45 -35.09
C ASN A 17 37.21 14.65 -35.64
N ASN A 18 36.93 15.86 -35.14
CA ASN A 18 37.60 17.08 -35.57
C ASN A 18 38.30 17.77 -34.41
N TYR A 19 38.76 17.00 -33.42
CA TYR A 19 39.24 17.57 -32.16
C TYR A 19 40.42 18.50 -32.38
N THR A 20 40.36 19.65 -31.71
CA THR A 20 41.45 20.63 -31.71
C THR A 20 41.36 21.44 -30.43
N GLU A 21 42.52 21.81 -29.91
CA GLU A 21 42.59 22.60 -28.68
C GLU A 21 42.92 24.06 -28.94
N THR A 22 42.78 24.52 -30.19
CA THR A 22 43.16 25.89 -30.55
C THR A 22 42.09 26.59 -31.38
N ASP A 23 40.85 26.11 -31.32
CA ASP A 23 39.79 26.71 -32.14
C ASP A 23 38.45 26.40 -31.47
N THR A 24 37.96 27.34 -30.66
CA THR A 24 36.69 27.18 -29.97
C THR A 24 35.51 27.11 -30.94
N SER A 25 35.71 27.46 -32.21
CA SER A 25 34.62 27.37 -33.17
C SER A 25 34.32 25.93 -33.57
N VAL A 26 35.31 25.04 -33.46
CA VAL A 26 35.11 23.62 -33.73
C VAL A 26 34.88 22.84 -32.45
N VAL A 27 35.74 23.03 -31.46
CA VAL A 27 35.61 22.40 -30.15
C VAL A 27 35.56 23.51 -29.11
N PRO A 28 34.37 23.86 -28.63
CA PRO A 28 34.26 24.97 -27.68
C PRO A 28 34.96 24.74 -26.36
N PHE A 29 35.05 23.49 -25.90
CA PHE A 29 35.65 23.18 -24.59
C PHE A 29 36.60 22.00 -24.75
N PRO A 30 37.81 22.24 -25.24
CA PRO A 30 38.81 21.18 -25.31
C PRO A 30 39.34 20.83 -23.93
N VAL A 31 39.98 19.66 -23.85
CA VAL A 31 40.53 19.19 -22.58
C VAL A 31 41.53 20.18 -22.01
N SER A 32 42.22 20.94 -22.88
CA SER A 32 43.20 21.92 -22.42
C SER A 32 42.60 22.98 -21.52
N ASN A 33 41.29 23.21 -21.61
CA ASN A 33 40.64 24.17 -20.71
C ASN A 33 40.54 23.67 -19.29
N ILE A 34 40.75 22.37 -19.05
CA ILE A 34 40.78 21.83 -17.68
C ILE A 34 42.21 22.00 -17.20
N THR A 35 42.46 23.14 -16.56
CA THR A 35 43.79 23.50 -16.08
C THR A 35 44.16 22.60 -14.91
N PRO A 36 45.45 22.62 -14.50
CA PRO A 36 45.81 21.88 -13.29
C PRO A 36 45.00 22.28 -12.07
N ALA A 37 44.66 23.57 -11.94
CA ALA A 37 43.85 24.02 -10.80
C ALA A 37 42.48 23.37 -10.81
N LYS A 38 41.84 23.30 -11.98
CA LYS A 38 40.53 22.68 -12.07
C LYS A 38 40.59 21.17 -11.85
N ALA A 39 41.65 20.53 -12.35
CA ALA A 39 41.82 19.09 -12.14
C ALA A 39 41.92 18.76 -10.66
N LYS A 40 42.56 19.63 -9.88
CA LYS A 40 42.71 19.42 -8.44
C LYS A 40 41.39 19.62 -7.70
N GLN A 41 40.46 20.40 -8.27
CA GLN A 41 39.16 20.63 -7.64
C GLN A 41 38.16 19.53 -7.93
N LEU A 42 38.44 18.67 -8.90
CA LEU A 42 37.59 17.55 -9.24
C LEU A 42 38.10 16.28 -8.57
N THR A 43 37.17 15.38 -8.24
CA THR A 43 37.55 14.01 -7.89
C THR A 43 37.26 13.02 -9.00
N HIS A 44 36.26 13.31 -9.84
CA HIS A 44 35.88 12.44 -10.95
C HIS A 44 35.56 13.30 -12.15
N ILE A 45 35.95 12.83 -13.33
CA ILE A 45 35.46 13.36 -14.61
C ILE A 45 34.71 12.23 -15.31
N ASN A 46 33.43 12.45 -15.60
CA ASN A 46 32.61 11.48 -16.32
C ASN A 46 32.68 11.78 -17.81
N PHE A 47 33.55 11.09 -18.53
CA PHE A 47 33.56 11.21 -19.99
C PHE A 47 32.28 10.60 -20.56
N SER A 48 31.66 11.32 -21.49
CA SER A 48 30.32 10.95 -21.97
C SER A 48 30.14 11.42 -23.41
N PHE A 49 29.37 10.67 -24.19
CA PHE A 49 28.70 9.43 -23.80
C PHE A 49 29.10 8.26 -24.70
N LEU A 50 29.25 7.08 -24.10
CA LEU A 50 29.27 5.84 -24.85
C LEU A 50 27.86 5.24 -24.84
N ASP A 51 27.69 4.10 -25.49
CA ASP A 51 26.37 3.54 -25.75
C ASP A 51 26.42 2.02 -25.61
N ILE A 52 25.26 1.39 -25.75
CA ILE A 52 25.14 -0.06 -25.87
C ILE A 52 24.62 -0.32 -27.28
N ASN A 53 25.39 -1.09 -28.06
CA ASN A 53 25.05 -1.30 -29.46
C ASN A 53 24.09 -2.49 -29.60
N SER A 54 23.75 -2.82 -30.85
CA SER A 54 22.82 -3.91 -31.11
C SER A 54 23.43 -5.27 -30.79
N ASN A 55 24.76 -5.35 -30.67
CA ASN A 55 25.41 -6.55 -30.17
C ASN A 55 25.33 -6.68 -28.65
N LEU A 56 24.64 -5.74 -27.99
CA LEU A 56 24.43 -5.77 -26.54
C LEU A 56 25.76 -5.66 -25.79
N GLU A 57 26.66 -4.85 -26.32
CA GLU A 57 27.94 -4.57 -25.69
C GLU A 57 28.13 -3.07 -25.54
N CYS A 58 28.88 -2.68 -24.52
CA CYS A 58 29.33 -1.30 -24.41
C CYS A 58 30.18 -0.94 -25.61
N ALA A 59 29.89 0.21 -26.23
CA ALA A 59 30.58 0.60 -27.44
C ALA A 59 30.50 2.10 -27.64
N TRP A 60 31.50 2.64 -28.33
CA TRP A 60 31.47 4.01 -28.85
C TRP A 60 30.42 4.14 -29.95
N ASP A 61 29.99 5.39 -30.16
CA ASP A 61 29.23 5.74 -31.34
C ASP A 61 29.89 5.14 -32.58
N PRO A 62 29.16 4.39 -33.42
CA PRO A 62 29.81 3.75 -34.59
C PRO A 62 30.50 4.73 -35.51
N ALA A 63 30.10 6.00 -35.51
CA ALA A 63 30.74 7.02 -36.35
C ALA A 63 31.99 7.60 -35.71
N THR A 64 32.41 7.10 -34.55
CA THR A 64 33.57 7.67 -33.85
C THR A 64 34.87 7.27 -34.55
N ASN A 65 35.71 8.26 -34.80
CA ASN A 65 37.10 8.01 -35.18
C ASN A 65 37.85 7.53 -33.95
N ASP A 66 38.22 6.24 -33.93
CA ASP A 66 38.78 5.65 -32.71
C ASP A 66 40.12 6.28 -32.34
N ALA A 67 40.95 6.58 -33.34
CA ALA A 67 42.24 7.20 -33.05
C ALA A 67 42.07 8.56 -32.40
N LYS A 68 41.15 9.38 -32.92
CA LYS A 68 40.88 10.68 -32.31
C LYS A 68 40.27 10.52 -30.92
N ALA A 69 39.43 9.50 -30.75
CA ALA A 69 38.80 9.26 -29.46
C ALA A 69 39.85 8.88 -28.41
N ARG A 70 40.75 7.96 -28.76
CA ARG A 70 41.81 7.57 -27.82
C ARG A 70 42.64 8.77 -27.41
N ASP A 71 42.93 9.67 -28.34
CA ASP A 71 43.74 10.85 -28.03
C ASP A 71 43.01 11.77 -27.06
N VAL A 72 41.69 11.92 -27.23
CA VAL A 72 40.90 12.75 -26.31
C VAL A 72 40.94 12.16 -24.91
N VAL A 73 40.72 10.85 -24.80
CA VAL A 73 40.72 10.21 -23.49
C VAL A 73 42.11 10.30 -22.85
N ASN A 74 43.16 10.10 -23.66
CA ASN A 74 44.52 10.21 -23.13
C ASN A 74 44.80 11.59 -22.56
N ARG A 75 44.25 12.63 -23.18
CA ARG A 75 44.42 13.98 -22.65
C ARG A 75 43.73 14.14 -21.31
N LEU A 76 42.59 13.46 -21.11
CA LEU A 76 41.90 13.51 -19.83
C LEU A 76 42.69 12.75 -18.77
N THR A 77 43.15 11.54 -19.09
CA THR A 77 43.87 10.75 -18.10
C THR A 77 45.22 11.37 -17.75
N ALA A 78 45.78 12.20 -18.64
CA ALA A 78 46.99 12.93 -18.32
C ALA A 78 46.77 13.93 -17.19
N LEU A 79 45.53 14.38 -16.99
CA LEU A 79 45.23 15.30 -15.90
C LEU A 79 45.51 14.69 -14.53
N LYS A 80 45.56 13.36 -14.44
CA LYS A 80 45.86 12.71 -13.16
C LYS A 80 47.26 13.07 -12.65
N ALA A 81 48.14 13.57 -13.52
CA ALA A 81 49.43 14.05 -13.06
C ALA A 81 49.29 15.19 -12.07
N HIS A 82 48.19 15.95 -12.15
CA HIS A 82 47.96 17.07 -11.25
C HIS A 82 47.13 16.69 -10.02
N ASN A 83 46.50 15.52 -10.02
CA ASN A 83 45.59 15.13 -8.93
C ASN A 83 45.61 13.62 -8.80
N PRO A 84 46.34 13.09 -7.81
CA PRO A 84 46.42 11.63 -7.65
C PRO A 84 45.13 10.97 -7.18
N SER A 85 44.12 11.74 -6.78
CA SER A 85 42.82 11.19 -6.45
C SER A 85 41.85 11.19 -7.63
N LEU A 86 42.22 11.83 -8.73
CA LEU A 86 41.29 12.04 -9.83
C LEU A 86 41.05 10.73 -10.59
N ARG A 87 39.78 10.48 -10.92
CA ARG A 87 39.38 9.35 -11.73
C ARG A 87 38.71 9.86 -12.99
N ILE A 88 39.11 9.32 -14.14
CA ILE A 88 38.42 9.57 -15.41
C ILE A 88 37.47 8.40 -15.64
N MET A 89 36.20 8.59 -15.26
CA MET A 89 35.16 7.62 -15.58
C MET A 89 34.70 7.78 -17.02
N PHE A 90 34.00 6.77 -17.53
CA PHE A 90 33.23 6.92 -18.76
C PHE A 90 31.79 6.55 -18.49
N SER A 91 30.88 7.28 -19.15
CA SER A 91 29.44 7.15 -18.93
C SER A 91 28.78 6.49 -20.14
N ILE A 92 27.95 5.49 -19.88
CA ILE A 92 27.16 4.80 -20.90
C ILE A 92 25.73 5.29 -20.80
N GLY A 93 25.21 5.84 -21.90
CA GLY A 93 23.80 6.19 -21.93
C GLY A 93 23.51 7.66 -22.16
N GLY A 94 22.85 8.30 -21.19
CA GLY A 94 22.31 9.62 -21.38
C GLY A 94 20.90 9.57 -21.95
N TRP A 95 20.26 10.75 -21.96
CA TRP A 95 18.87 10.83 -22.41
C TRP A 95 18.74 10.38 -23.86
N TYR A 96 19.57 10.92 -24.75
CA TYR A 96 19.42 10.68 -26.19
C TYR A 96 19.47 9.19 -26.52
N TYR A 97 20.45 8.47 -25.96
CA TYR A 97 20.58 7.05 -26.28
C TYR A 97 19.51 6.20 -25.57
N SER A 98 19.23 6.48 -24.29
CA SER A 98 18.63 5.48 -23.43
C SER A 98 17.20 5.77 -22.99
N ASN A 99 16.65 6.95 -23.28
CA ASN A 99 15.27 7.17 -22.88
C ASN A 99 14.34 6.24 -23.65
N ASP A 100 13.12 6.06 -23.14
CA ASP A 100 12.19 5.07 -23.69
C ASP A 100 12.08 5.20 -25.20
N LEU A 101 12.07 6.44 -25.71
CA LEU A 101 11.93 6.69 -27.14
C LEU A 101 13.28 6.96 -27.81
N GLY A 102 14.39 6.65 -27.12
CA GLY A 102 15.70 6.91 -27.67
C GLY A 102 16.16 5.89 -28.69
N VAL A 103 17.19 6.26 -29.46
CA VAL A 103 17.62 5.46 -30.60
C VAL A 103 18.10 4.07 -30.17
N SER A 104 18.71 3.95 -28.99
CA SER A 104 19.32 2.70 -28.56
C SER A 104 18.59 2.00 -27.42
N HIS A 105 17.37 2.44 -27.09
CA HIS A 105 16.70 1.96 -25.87
C HIS A 105 16.62 0.43 -25.80
N ALA A 106 16.25 -0.22 -26.90
CA ALA A 106 16.04 -1.67 -26.86
C ALA A 106 17.33 -2.41 -26.51
N ASN A 107 18.48 -1.84 -26.85
CA ASN A 107 19.75 -2.47 -26.51
C ASN A 107 19.97 -2.51 -25.00
N TYR A 108 19.50 -1.49 -24.27
CA TYR A 108 19.62 -1.49 -22.82
C TYR A 108 18.71 -2.55 -22.21
N VAL A 109 17.47 -2.64 -22.69
CA VAL A 109 16.55 -3.66 -22.21
C VAL A 109 17.10 -5.06 -22.47
N ASN A 110 17.63 -5.29 -23.68
CA ASN A 110 18.05 -6.63 -24.05
C ASN A 110 19.37 -7.04 -23.41
N ALA A 111 20.27 -6.08 -23.14
CA ALA A 111 21.58 -6.44 -22.61
C ALA A 111 21.50 -7.01 -21.21
N VAL A 112 20.49 -6.63 -20.43
CA VAL A 112 20.37 -7.07 -19.05
C VAL A 112 19.41 -8.25 -18.91
N LYS A 113 18.97 -8.85 -20.02
CA LYS A 113 17.86 -9.81 -19.98
C LYS A 113 18.26 -11.14 -19.36
N THR A 114 19.41 -11.67 -19.73
CA THR A 114 19.78 -13.05 -19.39
C THR A 114 21.15 -13.09 -18.71
N PRO A 115 21.45 -14.17 -18.00
CA PRO A 115 22.81 -14.35 -17.46
C PRO A 115 23.89 -14.23 -18.54
N ALA A 116 23.65 -14.80 -19.72
CA ALA A 116 24.64 -14.73 -20.79
C ALA A 116 24.80 -13.30 -21.31
N SER A 117 23.69 -12.58 -21.50
CA SER A 117 23.77 -11.22 -21.99
C SER A 117 24.42 -10.30 -20.96
N ARG A 118 24.07 -10.47 -19.68
CA ARG A 118 24.66 -9.65 -18.62
C ARG A 118 26.16 -9.87 -18.51
N ALA A 119 26.60 -11.14 -18.54
CA ALA A 119 28.03 -11.41 -18.49
C ALA A 119 28.74 -10.80 -19.68
N LYS A 120 28.15 -10.91 -20.88
CA LYS A 120 28.79 -10.35 -22.07
C LYS A 120 28.84 -8.82 -22.00
N PHE A 121 27.76 -8.20 -21.52
CA PHE A 121 27.74 -6.75 -21.40
C PHE A 121 28.73 -6.29 -20.32
N ALA A 122 28.72 -6.96 -19.16
CA ALA A 122 29.63 -6.58 -18.09
C ALA A 122 31.09 -6.71 -18.51
N GLN A 123 31.43 -7.78 -19.22
CA GLN A 123 32.79 -7.94 -19.72
C GLN A 123 33.19 -6.80 -20.64
N SER A 124 32.28 -6.39 -21.53
CA SER A 124 32.60 -5.33 -22.46
C SER A 124 32.83 -3.99 -21.75
N CYS A 125 32.14 -3.77 -20.62
CA CYS A 125 32.37 -2.54 -19.85
C CYS A 125 33.80 -2.50 -19.32
N VAL A 126 34.27 -3.58 -18.76
CA VAL A 126 35.60 -3.61 -18.22
C VAL A 126 36.68 -3.54 -19.31
N ARG A 127 36.38 -4.11 -20.46
CA ARG A 127 37.25 -4.14 -21.59
C ARG A 127 37.45 -2.73 -22.12
N ILE A 128 36.37 -2.01 -22.30
CA ILE A 128 36.42 -0.66 -22.74
C ILE A 128 37.20 0.14 -21.69
N MET A 129 36.89 -0.05 -20.43
CA MET A 129 37.60 0.69 -19.39
C MET A 129 39.11 0.48 -19.50
N LYS A 130 39.55 -0.77 -19.64
CA LYS A 130 40.98 -1.06 -19.66
C LYS A 130 41.62 -0.66 -20.98
N ASP A 131 40.92 -0.88 -22.10
CA ASP A 131 41.49 -0.60 -23.41
C ASP A 131 41.76 0.89 -23.59
N TYR A 132 40.89 1.74 -23.04
CA TYR A 132 41.03 3.18 -23.24
C TYR A 132 41.63 3.89 -22.03
N GLY A 133 41.82 3.19 -20.92
CA GLY A 133 42.48 3.78 -19.76
C GLY A 133 41.57 4.49 -18.78
N PHE A 134 40.28 4.15 -18.76
CA PHE A 134 39.37 4.76 -17.81
C PHE A 134 39.56 4.18 -16.41
N ASP A 135 39.02 4.88 -15.41
CA ASP A 135 39.16 4.49 -14.02
C ASP A 135 37.87 3.94 -13.41
N GLY A 136 36.81 3.83 -14.19
CA GLY A 136 35.56 3.30 -13.67
C GLY A 136 34.48 3.39 -14.71
N VAL A 137 33.33 2.84 -14.34
CA VAL A 137 32.17 2.72 -15.24
C VAL A 137 31.00 3.47 -14.62
N ASP A 138 30.35 4.30 -15.42
CA ASP A 138 29.14 5.01 -15.02
C ASP A 138 28.03 4.66 -16.01
N ILE A 139 26.86 4.29 -15.51
CA ILE A 139 25.75 3.86 -16.35
C ILE A 139 24.62 4.87 -16.18
N ASP A 140 24.22 5.49 -17.28
CA ASP A 140 23.18 6.51 -17.29
C ASP A 140 22.00 6.02 -18.14
N TRP A 141 21.33 4.98 -17.68
CA TRP A 141 20.13 4.48 -18.34
C TRP A 141 18.94 5.24 -17.77
N GLU A 142 18.26 6.00 -18.61
CA GLU A 142 17.18 6.88 -18.15
C GLU A 142 15.84 6.48 -18.78
N TYR A 143 15.16 5.48 -18.21
CA TYR A 143 15.50 4.76 -16.97
C TYR A 143 14.94 3.35 -17.08
N PRO A 144 15.55 2.38 -16.37
CA PRO A 144 15.00 1.01 -16.40
C PRO A 144 13.62 0.96 -15.76
N GLN A 145 12.74 0.19 -16.37
CA GLN A 145 11.38 0.00 -15.87
C GLN A 145 11.31 -1.18 -14.91
N ALA A 146 10.18 -1.27 -14.20
CA ALA A 146 10.02 -2.23 -13.11
C ALA A 146 10.46 -3.64 -13.50
N ALA A 147 10.02 -4.12 -14.66
CA ALA A 147 10.34 -5.48 -15.08
C ALA A 147 11.79 -5.65 -15.46
N GLU A 148 12.50 -4.55 -15.75
CA GLU A 148 13.90 -4.60 -16.15
C GLU A 148 14.86 -4.40 -14.98
N VAL A 149 14.35 -4.07 -13.80
CA VAL A 149 15.24 -3.66 -12.70
C VAL A 149 16.10 -4.82 -12.24
N ASP A 150 15.51 -6.02 -12.08
CA ASP A 150 16.26 -7.16 -11.56
C ASP A 150 17.42 -7.51 -12.48
N GLY A 151 17.21 -7.47 -13.80
CA GLY A 151 18.31 -7.70 -14.71
C GLY A 151 19.35 -6.59 -14.66
N PHE A 152 18.88 -5.34 -14.56
CA PHE A 152 19.77 -4.21 -14.36
C PHE A 152 20.63 -4.40 -13.12
N ILE A 153 20.01 -4.91 -12.03
CA ILE A 153 20.73 -5.16 -10.79
C ILE A 153 21.84 -6.18 -10.99
N ALA A 154 21.49 -7.32 -11.58
CA ALA A 154 22.48 -8.38 -11.77
C ALA A 154 23.61 -7.94 -12.67
N ALA A 155 23.32 -7.07 -13.65
CA ALA A 155 24.40 -6.55 -14.49
C ALA A 155 25.35 -5.68 -13.68
N LEU A 156 24.80 -4.79 -12.83
CA LEU A 156 25.64 -3.98 -11.95
C LEU A 156 26.46 -4.87 -11.02
N GLN A 157 25.83 -5.90 -10.45
CA GLN A 157 26.54 -6.84 -9.60
C GLN A 157 27.68 -7.52 -10.36
N GLU A 158 27.43 -7.87 -11.61
CA GLU A 158 28.45 -8.53 -12.43
C GLU A 158 29.61 -7.58 -12.71
N ILE A 159 29.31 -6.32 -13.04
CA ILE A 159 30.36 -5.34 -13.25
C ILE A 159 31.17 -5.14 -11.98
N ARG A 160 30.50 -5.07 -10.82
CA ARG A 160 31.20 -4.91 -9.56
C ARG A 160 32.20 -6.05 -9.33
N THR A 161 31.77 -7.29 -9.58
CA THR A 161 32.67 -8.44 -9.41
C THR A 161 33.89 -8.31 -10.31
N LEU A 162 33.67 -7.97 -11.58
CA LEU A 162 34.80 -7.87 -12.51
C LEU A 162 35.69 -6.69 -12.16
N LEU A 163 35.11 -5.57 -11.72
CA LEU A 163 35.92 -4.41 -11.35
C LEU A 163 36.78 -4.69 -10.12
N ASN A 164 36.21 -5.37 -9.12
CA ASN A 164 36.97 -5.69 -7.92
C ASN A 164 38.13 -6.62 -8.24
N GLN A 165 37.91 -7.61 -9.10
CA GLN A 165 39.00 -8.49 -9.53
C GLN A 165 40.05 -7.71 -10.32
N GLN A 166 39.60 -6.78 -11.17
CA GLN A 166 40.53 -5.98 -11.94
C GLN A 166 41.35 -5.06 -11.04
N THR A 167 40.73 -4.53 -9.98
CA THR A 167 41.46 -3.71 -9.02
C THR A 167 42.61 -4.49 -8.40
N ILE A 168 42.34 -5.73 -7.97
CA ILE A 168 43.39 -6.54 -7.37
C ILE A 168 44.46 -6.88 -8.40
N THR A 169 44.04 -7.30 -9.60
CA THR A 169 44.98 -7.68 -10.65
C THR A 169 45.92 -6.53 -11.01
N ASP A 170 45.41 -5.30 -11.01
CA ASP A 170 46.19 -4.13 -11.42
C ASP A 170 46.85 -3.42 -10.25
N GLY A 171 46.76 -3.96 -9.04
CA GLY A 171 47.37 -3.31 -7.89
C GLY A 171 46.79 -1.94 -7.57
N ARG A 172 45.50 -1.74 -7.81
CA ARG A 172 44.87 -0.43 -7.67
C ARG A 172 44.16 -0.25 -6.34
N GLN A 173 44.66 -0.89 -5.27
CA GLN A 173 44.04 -0.76 -3.96
C GLN A 173 43.97 0.71 -3.51
N ALA A 174 44.97 1.51 -3.89
CA ALA A 174 44.97 2.92 -3.50
C ALA A 174 43.92 3.74 -4.24
N LEU A 175 43.49 3.29 -5.42
CA LEU A 175 42.49 4.00 -6.21
C LEU A 175 41.66 2.97 -6.96
N PRO A 176 40.80 2.23 -6.24
CA PRO A 176 40.08 1.12 -6.88
C PRO A 176 39.19 1.61 -8.01
N TYR A 177 39.00 0.73 -9.00
CA TYR A 177 38.03 1.00 -10.06
C TYR A 177 36.64 1.11 -9.44
N GLN A 178 35.84 2.02 -9.99
CA GLN A 178 34.57 2.37 -9.36
C GLN A 178 33.41 2.16 -10.32
N LEU A 179 32.22 2.07 -9.74
CA LEU A 179 31.00 1.87 -10.50
C LEU A 179 29.96 2.84 -9.95
N THR A 180 29.36 3.62 -10.84
CA THR A 180 28.34 4.58 -10.47
C THR A 180 27.21 4.52 -11.48
N ILE A 181 26.06 5.09 -11.10
CA ILE A 181 24.98 5.35 -12.05
C ILE A 181 24.50 6.78 -11.83
N ALA A 182 23.90 7.34 -12.89
CA ALA A 182 23.06 8.52 -12.74
C ALA A 182 21.67 8.03 -12.41
N GLY A 183 21.13 8.50 -11.30
CA GLY A 183 19.80 8.10 -10.90
C GLY A 183 18.82 9.23 -11.08
N ALA A 184 17.54 8.89 -11.22
CA ALA A 184 16.50 9.90 -11.36
C ALA A 184 16.47 10.80 -10.13
N GLY A 185 16.25 12.08 -10.36
CA GLY A 185 16.10 13.06 -9.30
C GLY A 185 14.68 13.54 -9.07
N GLY A 186 13.70 12.95 -9.74
CA GLY A 186 12.31 13.30 -9.52
C GLY A 186 11.47 12.04 -9.40
N ALA A 187 10.37 12.16 -8.67
CA ALA A 187 9.62 10.99 -8.22
C ALA A 187 9.01 10.19 -9.37
N PHE A 188 8.70 10.85 -10.50
CA PHE A 188 8.01 10.15 -11.57
C PHE A 188 8.90 9.06 -12.18
N PHE A 189 10.11 9.42 -12.61
CA PHE A 189 11.03 8.43 -13.13
C PHE A 189 11.56 7.53 -12.02
N LEU A 190 11.77 8.10 -10.83
CA LEU A 190 12.28 7.30 -9.71
C LEU A 190 11.35 6.16 -9.35
N SER A 191 10.03 6.33 -9.52
CA SER A 191 9.09 5.29 -9.15
C SER A 191 9.28 4.01 -9.96
N ARG A 192 9.99 4.09 -11.09
CA ARG A 192 10.22 2.91 -11.93
C ARG A 192 10.98 1.83 -11.16
N TYR A 193 11.99 2.23 -10.38
CA TYR A 193 12.87 1.30 -9.70
C TYR A 193 12.97 1.57 -8.20
N TYR A 194 12.18 2.52 -7.68
CA TYR A 194 12.32 2.97 -6.30
C TYR A 194 12.31 1.81 -5.31
N SER A 195 11.43 0.83 -5.51
CA SER A 195 11.28 -0.25 -4.54
C SER A 195 12.55 -1.07 -4.39
N LYS A 196 13.41 -1.08 -5.41
CA LYS A 196 14.63 -1.87 -5.40
C LYS A 196 15.89 -1.00 -5.29
N LEU A 197 15.75 0.18 -4.66
CA LEU A 197 16.89 1.07 -4.50
C LEU A 197 18.04 0.40 -3.76
N ALA A 198 17.73 -0.37 -2.72
CA ALA A 198 18.79 -0.96 -1.91
C ALA A 198 19.67 -1.89 -2.75
N GLN A 199 19.06 -2.78 -3.54
CA GLN A 199 19.85 -3.67 -4.37
C GLN A 199 20.50 -2.94 -5.55
N ILE A 200 19.96 -1.80 -5.98
CA ILE A 200 20.62 -1.01 -7.01
C ILE A 200 21.90 -0.39 -6.48
N VAL A 201 21.84 0.20 -5.28
CA VAL A 201 22.96 0.97 -4.76
C VAL A 201 24.06 0.08 -4.17
N ALA A 202 23.73 -1.15 -3.76
CA ALA A 202 24.71 -2.03 -3.14
C ALA A 202 26.00 -2.19 -3.93
N PRO A 203 25.98 -2.47 -5.24
CA PRO A 203 27.25 -2.62 -5.97
C PRO A 203 27.92 -1.32 -6.37
N LEU A 204 27.32 -0.16 -6.07
CA LEU A 204 27.83 1.12 -6.54
C LEU A 204 28.70 1.79 -5.49
N ASP A 205 29.66 2.58 -5.96
CA ASP A 205 30.33 3.52 -5.08
C ASP A 205 29.44 4.74 -4.83
N TYR A 206 28.73 5.19 -5.86
CA TYR A 206 27.86 6.35 -5.75
C TYR A 206 26.65 6.17 -6.66
N ILE A 207 25.52 6.75 -6.24
CA ILE A 207 24.41 7.00 -7.14
C ILE A 207 24.30 8.51 -7.27
N ASN A 208 24.52 9.01 -8.49
CA ASN A 208 24.56 10.44 -8.75
C ASN A 208 23.16 10.88 -9.15
N LEU A 209 22.45 11.51 -8.21
CA LEU A 209 21.06 11.90 -8.45
C LEU A 209 21.01 13.05 -9.43
N MET A 210 20.18 12.93 -10.46
CA MET A 210 20.01 14.01 -11.41
C MET A 210 18.95 14.97 -10.89
N THR A 211 19.34 15.67 -9.82
CA THR A 211 18.45 16.60 -9.13
C THR A 211 18.47 17.96 -9.82
N TYR A 212 18.12 17.91 -11.10
CA TYR A 212 17.82 19.06 -11.94
C TYR A 212 16.84 18.56 -13.01
N ASP A 213 16.54 19.42 -13.99
CA ASP A 213 15.48 19.14 -14.94
C ASP A 213 14.15 18.86 -14.24
N LEU A 214 13.98 19.39 -13.02
CA LEU A 214 12.71 19.27 -12.32
C LEU A 214 11.69 20.25 -12.85
N ALA A 215 12.07 21.06 -13.83
CA ALA A 215 11.20 21.92 -14.60
C ALA A 215 11.74 21.94 -16.02
N GLY A 216 10.87 22.26 -16.97
CA GLY A 216 11.26 22.23 -18.36
C GLY A 216 10.07 22.50 -19.27
N PRO A 217 10.34 22.62 -20.57
CA PRO A 217 9.24 22.92 -21.51
C PRO A 217 8.12 21.90 -21.51
N TRP A 218 8.37 20.69 -21.00
CA TRP A 218 7.34 19.66 -20.90
C TRP A 218 6.34 19.94 -19.78
N GLU A 219 6.57 20.96 -18.97
CA GLU A 219 5.64 21.35 -17.92
C GLU A 219 4.98 22.67 -18.31
N LYS A 220 3.67 22.76 -18.10
CA LYS A 220 2.92 23.94 -18.52
C LYS A 220 3.13 25.15 -17.62
N VAL A 221 3.68 24.96 -16.42
CA VAL A 221 3.93 26.05 -15.48
C VAL A 221 5.43 26.18 -15.29
N THR A 222 5.95 27.39 -15.52
CA THR A 222 7.37 27.65 -15.30
C THR A 222 7.72 27.43 -13.83
N ASN A 223 8.95 27.00 -13.59
CA ASN A 223 9.39 26.69 -12.23
C ASN A 223 10.91 26.58 -12.22
N HIS A 224 11.48 26.63 -11.03
CA HIS A 224 12.90 26.36 -10.85
C HIS A 224 13.18 24.90 -11.13
N GLN A 225 14.23 24.62 -11.92
CA GLN A 225 14.54 23.25 -12.29
C GLN A 225 15.34 22.50 -11.24
N ALA A 226 15.87 23.18 -10.22
CA ALA A 226 16.65 22.54 -9.18
C ALA A 226 16.48 23.27 -7.86
N ALA A 227 15.23 23.57 -7.51
CA ALA A 227 14.94 24.17 -6.21
C ALA A 227 15.45 23.27 -5.09
N LEU A 228 16.19 23.85 -4.15
CA LEU A 228 16.66 23.07 -3.01
C LEU A 228 15.51 22.71 -2.08
N PHE A 229 14.72 23.71 -1.67
CA PHE A 229 13.53 23.52 -0.86
C PHE A 229 12.33 24.07 -1.61
N GLY A 230 11.14 23.78 -1.09
CA GLY A 230 9.90 24.09 -1.78
C GLY A 230 9.39 25.50 -1.51
N ASP A 231 8.69 26.03 -2.51
CA ASP A 231 7.99 27.31 -2.42
C ASP A 231 6.49 27.03 -2.52
N ALA A 232 5.76 27.35 -1.45
CA ALA A 232 4.32 27.11 -1.43
C ALA A 232 3.58 27.83 -2.55
N ALA A 233 4.17 28.91 -3.09
CA ALA A 233 3.54 29.62 -4.20
C ALA A 233 3.75 28.92 -5.53
N GLY A 234 4.69 27.98 -5.60
CA GLY A 234 4.98 27.29 -6.84
C GLY A 234 4.11 26.06 -7.01
N PRO A 235 4.22 25.41 -8.17
CA PRO A 235 3.39 24.23 -8.43
C PRO A 235 3.78 23.06 -7.55
N THR A 236 2.82 22.15 -7.36
CA THR A 236 3.03 20.91 -6.65
C THR A 236 2.69 19.75 -7.57
N PHE A 237 3.13 18.56 -7.20
CA PHE A 237 3.09 17.41 -8.10
C PHE A 237 2.55 16.18 -7.39
N TYR A 238 1.94 15.29 -8.18
CA TYR A 238 1.56 13.97 -7.71
C TYR A 238 2.79 13.22 -7.22
N ASN A 239 2.71 12.64 -6.02
CA ASN A 239 3.85 11.88 -5.50
C ASN A 239 3.77 10.46 -6.05
N ALA A 240 4.46 10.25 -7.18
CA ALA A 240 4.41 8.98 -7.89
C ALA A 240 4.92 7.80 -7.04
N LEU A 241 5.74 8.07 -6.03
CA LEU A 241 6.31 6.99 -5.23
C LEU A 241 5.25 6.22 -4.44
N ARG A 242 4.11 6.83 -4.14
CA ARG A 242 3.08 6.08 -3.42
C ARG A 242 2.47 4.98 -4.28
N GLU A 243 2.78 4.95 -5.58
CA GLU A 243 2.35 3.92 -6.49
C GLU A 243 3.45 2.91 -6.81
N ALA A 244 4.62 3.04 -6.20
CA ALA A 244 5.72 2.11 -6.47
C ALA A 244 5.37 0.74 -5.88
N ASN A 245 5.94 -0.33 -6.42
CA ASN A 245 5.43 -1.64 -6.04
C ASN A 245 6.25 -2.00 -4.79
N LEU A 246 5.89 -1.38 -3.67
CA LEU A 246 6.62 -1.53 -2.41
C LEU A 246 6.03 -2.57 -1.48
N GLY A 247 4.75 -2.86 -1.60
CA GLY A 247 4.09 -3.75 -0.67
C GLY A 247 3.78 -3.14 0.68
N TRP A 248 3.89 -1.83 0.82
CA TRP A 248 3.62 -1.20 2.11
C TRP A 248 2.13 -1.00 2.30
N SER A 249 1.73 -0.80 3.55
CA SER A 249 0.34 -0.54 3.89
C SER A 249 -0.04 0.89 3.53
N TRP A 250 -1.33 1.19 3.65
CA TRP A 250 -1.81 2.54 3.34
C TRP A 250 -1.15 3.57 4.25
N GLU A 251 -1.07 3.29 5.55
CA GLU A 251 -0.45 4.24 6.47
C GLU A 251 1.03 4.46 6.14
N GLU A 252 1.73 3.39 5.77
CA GLU A 252 3.16 3.50 5.48
C GLU A 252 3.38 4.32 4.20
N LEU A 253 2.57 4.06 3.17
CA LEU A 253 2.68 4.84 1.94
C LEU A 253 2.35 6.31 2.20
N THR A 254 1.28 6.57 2.96
CA THR A 254 0.84 7.94 3.18
C THR A 254 1.87 8.75 3.95
N ARG A 255 2.45 8.18 5.01
CA ARG A 255 3.41 8.92 5.80
C ARG A 255 4.73 9.13 5.06
N ALA A 256 5.07 8.22 4.14
CA ALA A 256 6.31 8.35 3.39
C ALA A 256 6.16 9.28 2.19
N PHE A 257 4.98 9.35 1.59
CA PHE A 257 4.80 10.01 0.30
C PHE A 257 3.63 10.98 0.35
N PRO A 258 3.80 12.13 1.03
CA PRO A 258 2.76 13.15 1.00
C PRO A 258 2.51 13.63 -0.42
N SER A 259 1.24 13.87 -0.74
CA SER A 259 0.87 14.21 -2.09
C SER A 259 -0.31 15.18 -2.08
N PRO A 260 -0.27 16.26 -2.88
CA PRO A 260 0.87 16.64 -3.73
C PRO A 260 2.06 17.16 -2.94
N PHE A 261 3.22 17.28 -3.58
CA PHE A 261 4.45 17.69 -2.90
C PHE A 261 5.27 18.58 -3.83
N SER A 262 6.27 19.25 -3.25
CA SER A 262 7.14 20.15 -3.99
C SER A 262 8.33 19.36 -4.56
N LEU A 263 8.47 19.39 -5.88
CA LEU A 263 9.51 18.66 -6.60
C LEU A 263 10.82 19.41 -6.42
N THR A 264 11.63 18.99 -5.44
CA THR A 264 12.85 19.70 -5.08
C THR A 264 14.03 18.74 -4.95
N VAL A 265 15.22 19.32 -4.82
CA VAL A 265 16.41 18.52 -4.55
C VAL A 265 16.28 17.82 -3.21
N ASP A 266 15.81 18.56 -2.19
CA ASP A 266 15.65 17.97 -0.86
C ASP A 266 14.67 16.79 -0.90
N ALA A 267 13.61 16.90 -1.70
CA ALA A 267 12.67 15.78 -1.82
C ALA A 267 13.37 14.53 -2.35
N ALA A 268 14.13 14.66 -3.44
CA ALA A 268 14.79 13.50 -4.02
C ALA A 268 15.78 12.86 -3.03
N VAL A 269 16.55 13.69 -2.32
CA VAL A 269 17.51 13.15 -1.36
C VAL A 269 16.78 12.44 -0.23
N GLN A 270 15.76 13.08 0.34
CA GLN A 270 15.03 12.46 1.45
C GLN A 270 14.29 11.20 1.01
N GLN A 271 13.79 11.18 -0.22
CA GLN A 271 13.12 9.97 -0.73
C GLN A 271 14.09 8.80 -0.80
N HIS A 272 15.35 9.06 -1.16
CA HIS A 272 16.34 7.99 -1.16
C HIS A 272 16.68 7.55 0.27
N LEU A 273 16.81 8.51 1.19
CA LEU A 273 17.16 8.17 2.56
C LEU A 273 16.04 7.44 3.29
N MET A 274 14.80 7.54 2.79
CA MET A 274 13.67 6.83 3.40
C MET A 274 13.76 5.32 3.20
N MET A 275 14.57 4.84 2.26
CA MET A 275 14.65 3.43 1.96
C MET A 275 15.76 2.76 2.75
N GLU A 276 15.44 1.61 3.32
CA GLU A 276 16.41 0.81 4.06
C GLU A 276 17.55 0.38 3.12
N GLY A 277 18.77 0.41 3.62
CA GLY A 277 19.90 -0.05 2.84
C GLY A 277 20.46 0.97 1.87
N VAL A 278 20.03 2.22 1.92
CA VAL A 278 20.57 3.26 1.06
C VAL A 278 21.38 4.22 1.93
N PRO A 279 22.71 4.07 1.98
CA PRO A 279 23.50 4.92 2.88
C PRO A 279 23.69 6.31 2.31
N SER A 280 23.66 7.32 3.20
CA SER A 280 23.80 8.69 2.76
C SER A 280 25.12 8.93 2.05
N ALA A 281 26.19 8.24 2.47
CA ALA A 281 27.50 8.48 1.88
C ALA A 281 27.58 8.09 0.43
N LYS A 282 26.65 7.28 -0.08
CA LYS A 282 26.66 6.92 -1.49
C LYS A 282 25.80 7.86 -2.33
N ILE A 283 25.00 8.72 -1.70
CA ILE A 283 24.14 9.64 -2.42
C ILE A 283 24.95 10.87 -2.81
N VAL A 284 24.95 11.19 -4.09
CA VAL A 284 25.62 12.37 -4.63
C VAL A 284 24.57 13.28 -5.24
N MET A 285 24.63 14.57 -4.92
CA MET A 285 23.65 15.53 -5.40
C MET A 285 24.11 16.13 -6.73
N GLY A 286 23.32 15.93 -7.78
CA GLY A 286 23.61 16.58 -9.04
C GLY A 286 23.16 18.03 -9.05
N VAL A 287 23.94 18.88 -9.70
CA VAL A 287 23.59 20.28 -9.90
C VAL A 287 23.79 20.62 -11.36
N PRO A 288 23.01 21.53 -11.93
CA PRO A 288 23.20 21.89 -13.34
C PRO A 288 24.12 23.09 -13.47
N PHE A 289 24.99 23.03 -14.47
CA PHE A 289 25.80 24.18 -14.87
C PHE A 289 25.15 24.94 -16.01
N TYR A 290 23.86 24.71 -16.24
CA TYR A 290 23.11 25.31 -17.34
C TYR A 290 21.77 25.79 -16.81
N GLY A 291 21.16 26.70 -17.56
CA GLY A 291 19.83 27.15 -17.23
C GLY A 291 18.81 26.70 -18.26
N ARG A 292 17.52 26.78 -17.90
CA ARG A 292 16.44 26.43 -18.81
C ARG A 292 15.58 27.68 -19.00
N ALA A 293 15.40 28.07 -20.25
CA ALA A 293 14.74 29.33 -20.59
C ALA A 293 13.35 29.06 -21.14
N PHE A 294 12.41 29.95 -20.79
CA PHE A 294 11.03 29.86 -21.23
C PHE A 294 10.62 31.19 -21.84
N LYS A 295 9.77 31.16 -22.87
CA LYS A 295 9.27 32.39 -23.47
C LYS A 295 7.77 32.47 -23.26
N GLY A 296 7.21 33.64 -23.57
CA GLY A 296 5.78 33.86 -23.42
C GLY A 296 5.28 33.83 -22.00
N VAL A 297 6.10 34.22 -21.04
CA VAL A 297 5.73 34.18 -19.63
C VAL A 297 5.09 35.50 -19.25
N SER A 298 4.30 35.49 -18.18
CA SER A 298 3.57 36.69 -17.87
C SER A 298 4.40 37.54 -16.91
N GLY A 299 3.77 38.58 -16.35
CA GLY A 299 4.38 39.40 -15.33
C GLY A 299 3.74 39.21 -13.97
N GLY A 300 4.41 39.79 -12.96
CA GLY A 300 3.89 39.85 -11.62
C GLY A 300 4.76 39.13 -10.60
N ASN A 301 5.57 38.18 -11.03
CA ASN A 301 6.39 37.43 -10.10
C ASN A 301 7.65 36.95 -10.83
N GLY A 302 8.31 37.87 -11.53
CA GLY A 302 9.59 37.57 -12.16
C GLY A 302 9.57 36.46 -13.19
N GLY A 303 8.39 36.09 -13.70
CA GLY A 303 8.28 34.99 -14.62
C GLY A 303 8.11 33.63 -13.97
N GLN A 304 8.12 33.58 -12.65
CA GLN A 304 7.93 32.33 -11.93
C GLN A 304 6.48 31.88 -12.02
N TYR A 305 6.28 30.56 -12.16
CA TYR A 305 4.97 29.94 -11.97
C TYR A 305 3.94 30.49 -12.94
N SER A 306 4.36 30.69 -14.19
CA SER A 306 3.50 31.26 -15.21
C SER A 306 3.35 30.28 -16.38
N SER A 307 2.26 30.44 -17.12
CA SER A 307 2.15 29.75 -18.40
C SER A 307 3.18 30.30 -19.37
N HIS A 308 3.43 29.53 -20.43
CA HIS A 308 4.50 29.86 -21.36
C HIS A 308 4.18 29.25 -22.72
N SER A 309 4.94 29.66 -23.73
CA SER A 309 4.79 29.20 -25.09
C SER A 309 6.08 28.58 -25.62
N THR A 310 6.80 27.89 -24.75
CA THR A 310 8.09 27.31 -25.15
C THR A 310 7.86 25.97 -25.83
N PRO A 311 8.32 25.79 -27.08
CA PRO A 311 8.20 24.47 -27.72
C PRO A 311 8.82 23.37 -26.88
N GLY A 312 8.18 22.21 -26.89
CA GLY A 312 8.59 21.06 -26.11
C GLY A 312 9.32 20.02 -26.91
N GLU A 313 9.24 20.12 -28.23
CA GLU A 313 9.77 19.08 -29.11
C GLU A 313 11.29 19.00 -29.05
N ASP A 314 11.82 17.95 -29.65
CA ASP A 314 13.25 17.69 -29.68
C ASP A 314 13.55 17.04 -31.02
N PRO A 315 14.46 17.62 -31.82
CA PRO A 315 15.12 18.87 -31.41
C PRO A 315 14.27 20.10 -31.65
N TYR A 316 14.79 21.27 -31.26
CA TYR A 316 14.07 22.53 -31.38
C TYR A 316 13.47 22.66 -32.79
N PRO A 317 12.14 22.77 -32.92
CA PRO A 317 11.53 22.65 -34.24
C PRO A 317 11.38 23.97 -34.97
N SER A 318 12.41 24.80 -34.97
CA SER A 318 12.31 26.13 -35.57
C SER A 318 13.70 26.74 -35.63
N THR A 319 13.75 27.93 -36.23
CA THR A 319 14.95 28.76 -36.25
C THR A 319 14.75 30.05 -35.47
N ASP A 320 13.64 30.17 -34.74
CA ASP A 320 13.36 31.32 -33.89
C ASP A 320 14.20 31.21 -32.63
N TYR A 321 15.31 31.95 -32.59
CA TYR A 321 16.23 31.95 -31.45
C TYR A 321 15.91 33.17 -30.60
N TRP A 322 14.95 33.01 -29.69
CA TRP A 322 14.34 34.11 -28.97
C TRP A 322 14.99 34.42 -27.63
N LEU A 323 16.03 33.70 -27.23
CA LEU A 323 16.73 34.02 -25.99
C LEU A 323 17.70 35.15 -26.30
N VAL A 324 17.26 36.39 -26.06
CA VAL A 324 18.05 37.56 -26.44
C VAL A 324 19.43 37.51 -25.80
N GLY A 325 20.46 37.68 -26.62
CA GLY A 325 21.83 37.72 -26.16
C GLY A 325 22.53 36.38 -26.08
N CYS A 326 21.81 35.28 -26.30
CA CYS A 326 22.39 33.94 -26.19
C CYS A 326 23.02 33.56 -27.52
N GLU A 327 24.31 33.86 -27.68
CA GLU A 327 25.02 33.49 -28.90
C GLU A 327 25.20 31.99 -29.00
N GLU A 328 25.45 31.32 -27.87
CA GLU A 328 25.56 29.87 -27.86
C GLU A 328 24.27 29.20 -28.30
N CYS A 329 23.11 29.81 -28.02
CA CYS A 329 21.84 29.26 -28.45
C CYS A 329 21.72 29.24 -29.97
N VAL A 330 22.37 30.18 -30.66
CA VAL A 330 22.36 30.18 -32.11
C VAL A 330 23.25 29.07 -32.65
N ARG A 331 24.45 28.93 -32.07
CA ARG A 331 25.37 27.89 -32.52
C ARG A 331 24.79 26.50 -32.26
N ASP A 332 24.25 26.29 -31.06
CA ASP A 332 23.59 25.03 -30.70
C ASP A 332 22.19 24.89 -31.28
N LYS A 333 21.65 25.94 -31.88
CA LYS A 333 20.31 25.95 -32.45
C LYS A 333 19.28 25.44 -31.44
N ASP A 334 19.17 26.16 -30.32
CA ASP A 334 18.18 25.89 -29.28
C ASP A 334 18.16 27.01 -28.25
N PRO A 335 17.10 27.81 -28.20
CA PRO A 335 17.03 28.91 -27.23
C PRO A 335 16.58 28.50 -25.84
N ARG A 336 16.34 27.20 -25.59
CA ARG A 336 15.76 26.77 -24.33
C ARG A 336 16.80 26.36 -23.30
N ILE A 337 18.08 26.26 -23.69
CA ILE A 337 19.16 25.89 -22.79
C ILE A 337 20.28 26.91 -22.93
N ALA A 338 20.82 27.37 -21.80
CA ALA A 338 21.95 28.29 -21.82
C ALA A 338 22.92 27.93 -20.70
N SER A 339 24.19 27.79 -21.05
CA SER A 339 25.23 27.54 -20.07
C SER A 339 25.33 28.70 -19.09
N TYR A 340 25.82 28.41 -17.88
CA TYR A 340 26.11 29.48 -16.93
C TYR A 340 27.06 30.50 -17.54
N ARG A 341 28.05 30.03 -18.32
CA ARG A 341 28.97 30.94 -18.97
C ARG A 341 28.23 31.94 -19.86
N GLN A 342 27.27 31.46 -20.64
CA GLN A 342 26.51 32.35 -21.51
C GLN A 342 25.57 33.24 -20.69
N LEU A 343 24.92 32.67 -19.67
CA LEU A 343 24.01 33.46 -18.84
C LEU A 343 24.74 34.58 -18.12
N GLU A 344 25.97 34.33 -17.68
CA GLU A 344 26.77 35.38 -17.06
C GLU A 344 27.02 36.51 -18.05
N GLN A 345 27.38 36.17 -19.29
CA GLN A 345 27.62 37.19 -20.30
C GLN A 345 26.32 37.89 -20.71
N MET A 346 25.19 37.20 -20.63
CA MET A 346 23.91 37.86 -20.90
C MET A 346 23.57 38.87 -19.81
N LEU A 347 23.97 38.59 -18.56
CA LEU A 347 23.73 39.53 -17.48
C LEU A 347 24.67 40.73 -17.57
N GLN A 348 25.80 40.57 -18.24
CA GLN A 348 26.83 41.61 -18.32
C GLN A 348 26.76 42.43 -19.59
N GLY A 349 25.80 42.16 -20.47
CA GLY A 349 25.81 42.85 -21.74
C GLY A 349 24.59 43.69 -22.03
N ASN A 350 23.85 44.05 -20.99
CA ASN A 350 22.68 44.91 -21.13
C ASN A 350 21.73 44.38 -22.20
N TYR A 351 20.99 43.32 -21.87
CA TYR A 351 20.01 42.76 -22.77
C TYR A 351 18.60 42.85 -22.20
N GLY A 352 18.45 43.47 -21.04
CA GLY A 352 17.15 43.62 -20.40
C GLY A 352 16.82 42.59 -19.34
N TYR A 353 17.77 41.72 -18.99
CA TYR A 353 17.54 40.73 -17.94
C TYR A 353 17.73 41.34 -16.55
N GLN A 354 16.92 40.86 -15.60
CA GLN A 354 17.18 41.09 -14.19
C GLN A 354 17.48 39.74 -13.54
N ARG A 355 18.46 39.74 -12.65
CA ARG A 355 18.75 38.55 -11.85
C ARG A 355 18.00 38.65 -10.55
N LEU A 356 17.07 37.72 -10.33
CA LEU A 356 16.27 37.68 -9.12
C LEU A 356 16.65 36.46 -8.29
N TRP A 357 16.26 36.48 -7.02
CA TRP A 357 16.58 35.42 -6.07
C TRP A 357 15.32 34.99 -5.35
N ASN A 358 15.11 33.67 -5.26
CA ASN A 358 14.02 33.09 -4.48
C ASN A 358 14.62 32.52 -3.21
N ASP A 359 14.31 33.14 -2.06
CA ASP A 359 14.95 32.75 -0.81
C ASP A 359 14.31 31.52 -0.18
N LYS A 360 13.22 31.00 -0.75
CA LYS A 360 12.67 29.73 -0.30
C LYS A 360 13.39 28.58 -1.00
N THR A 361 13.42 28.59 -2.33
CA THR A 361 14.12 27.58 -3.10
C THR A 361 15.62 27.72 -3.05
N LYS A 362 16.12 28.90 -2.63
CA LYS A 362 17.55 29.20 -2.59
C LYS A 362 18.20 29.05 -3.97
N THR A 363 17.53 29.56 -5.00
CA THR A 363 18.03 29.48 -6.36
C THR A 363 17.80 30.81 -7.06
N PRO A 364 18.68 31.19 -7.99
CA PRO A 364 18.49 32.41 -8.76
C PRO A 364 17.65 32.15 -10.01
N TYR A 365 17.23 33.24 -10.63
CA TYR A 365 16.51 33.15 -11.90
C TYR A 365 16.56 34.50 -12.61
N LEU A 366 16.50 34.45 -13.93
CA LEU A 366 16.49 35.64 -14.77
C LEU A 366 15.07 35.93 -15.25
N TYR A 367 14.76 37.22 -15.38
CA TYR A 367 13.48 37.66 -15.87
C TYR A 367 13.69 38.76 -16.90
N HIS A 368 13.08 38.62 -18.07
CA HIS A 368 13.16 39.60 -19.15
C HIS A 368 11.80 40.23 -19.28
N ALA A 369 11.63 41.41 -18.66
CA ALA A 369 10.33 42.08 -18.65
C ALA A 369 9.85 42.41 -20.06
N GLN A 370 10.76 42.86 -20.93
CA GLN A 370 10.34 43.41 -22.22
C GLN A 370 9.91 42.33 -23.20
N ASN A 371 10.50 41.13 -23.15
CA ASN A 371 10.11 40.06 -24.06
C ASN A 371 9.52 38.86 -23.33
N GLY A 372 9.19 38.99 -22.06
CA GLY A 372 8.52 37.93 -21.32
C GLY A 372 9.31 36.63 -21.32
N LEU A 373 10.54 36.66 -20.81
CA LEU A 373 11.38 35.48 -20.75
C LEU A 373 11.71 35.13 -19.30
N PHE A 374 11.88 33.84 -19.03
CA PHE A 374 12.22 33.34 -17.72
C PHE A 374 13.29 32.27 -17.85
N VAL A 375 14.34 32.37 -17.03
CA VAL A 375 15.42 31.40 -17.02
C VAL A 375 15.63 30.92 -15.58
N THR A 376 15.58 29.60 -15.38
CA THR A 376 15.94 28.99 -14.11
C THR A 376 17.33 28.40 -14.23
N TYR A 377 18.21 28.73 -13.28
CA TYR A 377 19.59 28.26 -13.33
C TYR A 377 20.15 28.24 -11.91
N ASP A 378 21.39 27.78 -11.79
CA ASP A 378 22.12 27.75 -10.53
C ASP A 378 23.41 28.55 -10.67
N ASP A 379 23.91 29.04 -9.54
CA ASP A 379 25.16 29.81 -9.54
C ASP A 379 25.91 29.53 -8.25
N ALA A 380 26.97 30.31 -8.01
CA ALA A 380 27.79 30.11 -6.82
C ALA A 380 27.03 30.38 -5.53
N GLU A 381 25.97 31.18 -5.59
CA GLU A 381 25.18 31.45 -4.38
C GLU A 381 24.28 30.28 -4.03
N SER A 382 23.55 29.75 -5.02
CA SER A 382 22.72 28.58 -4.76
C SER A 382 23.58 27.38 -4.33
N PHE A 383 24.82 27.31 -4.82
CA PHE A 383 25.70 26.21 -4.45
C PHE A 383 26.16 26.29 -2.99
N LYS A 384 26.10 27.47 -2.37
CA LYS A 384 26.39 27.56 -0.94
C LYS A 384 25.41 26.72 -0.14
N TYR A 385 24.12 26.86 -0.45
CA TYR A 385 23.10 26.15 0.32
C TYR A 385 23.10 24.67 0.00
N LYS A 386 23.36 24.32 -1.26
CA LYS A 386 23.40 22.90 -1.63
C LYS A 386 24.63 22.21 -1.05
N ALA A 387 25.77 22.92 -0.98
CA ALA A 387 26.95 22.34 -0.37
C ALA A 387 26.76 22.13 1.13
N LYS A 388 26.10 23.08 1.81
CA LYS A 388 25.83 22.90 3.23
C LYS A 388 24.86 21.73 3.45
N TYR A 389 23.85 21.62 2.58
CA TYR A 389 22.95 20.48 2.64
C TYR A 389 23.70 19.16 2.51
N ILE A 390 24.62 19.09 1.56
CA ILE A 390 25.42 17.88 1.35
C ILE A 390 26.18 17.53 2.62
N LYS A 391 26.71 18.54 3.30
CA LYS A 391 27.46 18.29 4.53
C LYS A 391 26.51 17.92 5.68
N GLN A 392 25.39 18.64 5.81
CA GLN A 392 24.46 18.37 6.89
C GLN A 392 23.87 16.97 6.79
N GLN A 393 23.53 16.55 5.58
CA GLN A 393 22.91 15.26 5.34
C GLN A 393 23.93 14.15 5.13
N GLN A 394 25.22 14.46 5.25
CA GLN A 394 26.30 13.48 5.15
C GLN A 394 26.24 12.72 3.81
N LEU A 395 26.00 13.47 2.73
CA LEU A 395 25.99 12.89 1.41
C LEU A 395 27.43 12.68 0.92
N GLY A 396 27.54 11.94 -0.19
CA GLY A 396 28.86 11.60 -0.71
C GLY A 396 29.55 12.73 -1.45
N GLY A 397 28.80 13.68 -1.98
CA GLY A 397 29.42 14.77 -2.70
C GLY A 397 28.44 15.40 -3.68
N VAL A 398 29.00 15.99 -4.73
CA VAL A 398 28.25 16.72 -5.74
C VAL A 398 28.63 16.21 -7.13
N MET A 399 27.67 16.27 -8.04
CA MET A 399 27.87 15.96 -9.45
C MET A 399 27.30 17.10 -10.27
N PHE A 400 27.86 17.33 -11.46
CA PHE A 400 27.31 18.39 -12.29
C PHE A 400 27.48 18.09 -13.77
N TRP A 401 26.55 18.63 -14.55
CA TRP A 401 26.56 18.59 -16.01
C TRP A 401 26.49 20.03 -16.52
N HIS A 402 27.51 20.47 -17.25
CA HIS A 402 28.78 19.74 -17.46
C HIS A 402 29.93 20.75 -17.47
N LEU A 403 31.17 20.23 -17.51
CA LEU A 403 32.35 21.08 -17.33
C LEU A 403 32.40 22.21 -18.35
N GLY A 404 31.95 21.95 -19.57
CA GLY A 404 32.05 22.96 -20.61
C GLY A 404 31.09 24.13 -20.46
N GLN A 405 30.20 24.08 -19.48
CA GLN A 405 29.24 25.15 -19.27
C GLN A 405 29.63 26.10 -18.15
N ASP A 406 30.67 25.78 -17.37
CA ASP A 406 31.21 26.73 -16.42
C ASP A 406 31.80 27.93 -17.17
N ASN A 407 32.02 29.03 -16.47
CA ASN A 407 32.66 30.15 -17.15
C ASN A 407 34.15 29.86 -17.30
N ARG A 408 34.84 30.77 -18.00
CA ARG A 408 36.24 30.54 -18.35
C ARG A 408 37.13 30.45 -17.10
N ASN A 409 36.79 31.18 -16.04
CA ASN A 409 37.52 31.10 -14.78
C ASN A 409 37.19 29.85 -13.98
N GLY A 410 36.20 29.06 -14.41
CA GLY A 410 35.82 27.89 -13.63
C GLY A 410 35.22 28.24 -12.29
N ASP A 411 34.40 29.30 -12.24
CA ASP A 411 33.94 29.81 -10.96
C ASP A 411 32.98 28.84 -10.26
N LEU A 412 32.13 28.16 -11.03
CA LEU A 412 31.19 27.23 -10.39
C LEU A 412 31.93 26.07 -9.74
N LEU A 413 32.85 25.44 -10.49
CA LEU A 413 33.65 24.34 -9.92
C LEU A 413 34.48 24.83 -8.74
N ALA A 414 35.09 26.02 -8.86
CA ALA A 414 35.89 26.54 -7.76
C ALA A 414 35.05 26.79 -6.52
N ALA A 415 33.80 27.22 -6.71
CA ALA A 415 32.91 27.46 -5.58
C ALA A 415 32.60 26.17 -4.84
N LEU A 416 32.25 25.11 -5.59
CA LEU A 416 31.96 23.82 -4.98
C LEU A 416 33.15 23.32 -4.17
N ASP A 417 34.35 23.36 -4.76
CA ASP A 417 35.54 22.92 -4.03
C ASP A 417 35.78 23.77 -2.80
N ARG A 418 35.58 25.09 -2.93
CA ARG A 418 35.77 25.98 -1.78
C ARG A 418 34.81 25.66 -0.65
N TYR A 419 33.54 25.42 -0.97
CA TYR A 419 32.56 25.19 0.10
C TYR A 419 32.83 23.89 0.84
N PHE A 420 33.42 22.90 0.16
CA PHE A 420 33.77 21.64 0.80
C PHE A 420 35.11 21.69 1.51
N ASN A 421 36.11 22.38 0.95
CA ASN A 421 37.49 22.18 1.33
C ASN A 421 38.25 23.42 1.80
N ALA A 422 37.77 24.62 1.52
CA ALA A 422 38.57 25.82 1.84
C ALA A 422 38.60 26.05 3.34
N ALA A 423 39.81 26.19 3.89
CA ALA A 423 39.96 26.42 5.32
C ALA A 423 39.40 27.76 5.77
N ASP A 424 39.31 28.74 4.87
CA ASP A 424 38.83 30.08 5.23
C ASP A 424 37.39 30.33 4.81
N TYR A 425 36.64 29.28 4.49
CA TYR A 425 35.21 29.38 4.23
C TYR A 425 34.45 28.75 5.39
N ASP A 426 33.47 29.46 5.92
CA ASP A 426 32.74 29.04 7.13
C ASP A 426 31.26 29.26 6.91
N ASP A 427 30.51 28.18 6.66
CA ASP A 427 29.07 28.28 6.43
C ASP A 427 28.25 27.90 7.67
N SER A 428 28.86 27.95 8.86
CA SER A 428 28.15 27.53 10.07
C SER A 428 26.91 28.38 10.34
N GLN A 429 26.91 29.63 9.92
CA GLN A 429 25.79 30.53 10.13
C GLN A 429 24.97 30.76 8.86
N LEU A 430 25.27 30.03 7.79
CA LEU A 430 24.51 30.19 6.55
C LEU A 430 23.05 29.82 6.79
N ASP A 431 22.15 30.73 6.45
CA ASP A 431 20.73 30.58 6.74
C ASP A 431 20.07 29.75 5.64
N MET A 432 19.64 28.55 5.97
CA MET A 432 19.04 27.64 5.01
C MET A 432 17.58 27.97 4.71
N GLY A 433 17.02 29.00 5.35
CA GLY A 433 15.74 29.53 4.95
C GLY A 433 14.56 28.73 5.49
N THR A 434 13.37 29.17 5.09
CA THR A 434 12.12 28.59 5.55
C THR A 434 11.35 27.92 4.42
N GLY A 435 12.03 27.55 3.34
CA GLY A 435 11.38 26.79 2.28
C GLY A 435 10.90 25.44 2.77
N LEU A 436 9.98 24.86 1.99
CA LEU A 436 9.33 23.62 2.42
C LEU A 436 10.31 22.45 2.37
N ARG A 437 10.44 21.76 3.49
CA ARG A 437 11.19 20.52 3.57
C ARG A 437 10.29 19.33 3.25
N TYR A 438 10.89 18.27 2.71
CA TYR A 438 10.17 17.02 2.49
C TYR A 438 10.07 16.28 3.83
N THR A 439 8.84 16.02 4.27
CA THR A 439 8.59 15.51 5.61
C THR A 439 8.21 14.03 5.63
N GLY A 440 8.40 13.31 4.54
CA GLY A 440 8.07 11.89 4.52
C GLY A 440 8.96 11.10 5.44
N VAL A 441 8.39 10.04 6.01
CA VAL A 441 9.09 9.12 6.91
C VAL A 441 8.91 7.71 6.38
N GLY A 442 10.01 6.98 6.25
CA GLY A 442 9.97 5.61 5.79
C GLY A 442 10.82 4.70 6.63
N PRO A 443 10.96 3.44 6.19
CA PRO A 443 11.71 2.47 7.01
C PRO A 443 13.17 2.83 7.22
N GLY A 444 13.79 3.52 6.27
CA GLY A 444 15.20 3.85 6.36
C GLY A 444 15.55 5.08 7.16
N ASN A 445 14.58 5.90 7.56
CA ASN A 445 14.86 7.11 8.32
C ASN A 445 13.88 7.25 9.47
N LEU A 446 13.55 6.13 10.11
CA LEU A 446 12.68 6.15 11.27
C LEU A 446 13.41 6.78 12.46
N PRO A 447 12.74 7.63 13.24
CA PRO A 447 13.41 8.27 14.38
C PRO A 447 13.70 7.26 15.48
N ILE A 448 14.73 7.56 16.27
CA ILE A 448 15.06 6.75 17.44
C ILE A 448 13.98 6.97 18.50
N MET A 449 13.47 5.87 19.05
CA MET A 449 12.43 5.93 20.07
C MET A 449 12.67 4.86 21.11
N THR A 450 12.02 5.02 22.26
CA THR A 450 12.06 4.07 23.37
C THR A 450 10.63 3.73 23.76
N ALA A 451 10.39 2.46 24.09
CA ALA A 451 9.07 2.00 24.48
C ALA A 451 9.24 0.74 25.31
N PRO A 452 8.26 0.42 26.16
CA PRO A 452 8.33 -0.84 26.91
C PRO A 452 8.34 -2.03 25.95
N ALA A 453 9.05 -3.08 26.35
CA ALA A 453 9.11 -4.28 25.52
C ALA A 453 7.71 -4.86 25.36
N TYR A 454 7.43 -5.37 24.15
CA TYR A 454 6.17 -6.04 23.91
C TYR A 454 6.06 -7.27 24.80
N VAL A 455 4.87 -7.51 25.34
CA VAL A 455 4.63 -8.63 26.24
C VAL A 455 3.56 -9.55 25.66
N PRO A 456 3.91 -10.74 25.19
CA PRO A 456 2.87 -11.65 24.67
C PRO A 456 1.84 -11.96 25.74
N GLY A 457 0.57 -11.95 25.33
CA GLY A 457 -0.54 -12.12 26.25
C GLY A 457 -1.20 -10.84 26.69
N THR A 458 -0.58 -9.69 26.41
CA THR A 458 -1.15 -8.40 26.75
C THR A 458 -2.13 -7.93 25.69
N THR A 459 -3.18 -7.24 26.14
CA THR A 459 -4.14 -6.61 25.26
C THR A 459 -3.88 -5.10 25.26
N TYR A 460 -3.55 -4.56 24.10
CA TYR A 460 -3.13 -3.17 24.00
C TYR A 460 -4.26 -2.30 23.45
N ALA A 461 -4.36 -1.08 23.98
CA ALA A 461 -5.32 -0.10 23.51
C ALA A 461 -4.77 0.63 22.28
N GLN A 462 -5.65 1.39 21.63
CA GLN A 462 -5.23 2.17 20.47
C GLN A 462 -4.19 3.21 20.86
N GLY A 463 -3.14 3.33 20.05
CA GLY A 463 -2.08 4.27 20.28
C GLY A 463 -0.98 3.80 21.21
N ALA A 464 -1.06 2.57 21.72
CA ALA A 464 -0.01 2.06 22.60
C ALA A 464 1.29 1.88 21.83
N LEU A 465 2.40 2.10 22.53
CA LEU A 465 3.74 1.97 21.96
C LEU A 465 4.47 0.84 22.65
N VAL A 466 5.12 -0.02 21.86
CA VAL A 466 5.95 -1.11 22.38
C VAL A 466 7.19 -1.22 21.52
N SER A 467 8.24 -1.79 22.10
CA SER A 467 9.45 -2.13 21.37
C SER A 467 9.48 -3.62 21.11
N TYR A 468 9.88 -4.01 19.89
CA TYR A 468 9.85 -5.41 19.50
C TYR A 468 10.75 -5.59 18.29
N GLN A 469 11.67 -6.55 18.38
CA GLN A 469 12.57 -6.91 17.28
C GLN A 469 13.29 -5.69 16.71
N GLY A 470 13.71 -4.80 17.61
CA GLY A 470 14.53 -3.67 17.23
C GLY A 470 13.79 -2.42 16.82
N TYR A 471 12.46 -2.44 16.81
CA TYR A 471 11.67 -1.29 16.41
C TYR A 471 10.65 -0.95 17.49
N VAL A 472 10.16 0.29 17.44
CA VAL A 472 9.05 0.73 18.26
C VAL A 472 7.79 0.74 17.39
N TRP A 473 6.72 0.13 17.90
CA TRP A 473 5.49 -0.06 17.14
C TRP A 473 4.32 0.62 17.85
N GLN A 474 3.36 1.09 17.07
CA GLN A 474 2.15 1.72 17.58
C GLN A 474 0.92 1.00 17.03
N THR A 475 -0.07 0.80 17.89
CA THR A 475 -1.32 0.19 17.47
C THR A 475 -2.17 1.21 16.72
N LYS A 476 -2.81 0.75 15.64
CA LYS A 476 -3.67 1.60 14.83
C LYS A 476 -5.12 1.61 15.30
N TRP A 477 -5.52 0.62 16.09
CA TRP A 477 -6.84 0.61 16.72
C TRP A 477 -6.73 -0.14 18.04
N GLY A 478 -7.85 -0.35 18.73
CA GLY A 478 -7.85 -0.87 20.07
C GLY A 478 -8.09 -2.38 20.15
N TYR A 479 -7.93 -2.90 21.37
CA TYR A 479 -8.07 -4.32 21.68
C TYR A 479 -7.14 -5.18 20.82
N ILE A 480 -5.85 -4.91 20.94
CA ILE A 480 -4.83 -5.59 20.15
C ILE A 480 -4.22 -6.70 20.99
N THR A 481 -4.39 -7.95 20.54
CA THR A 481 -3.85 -9.11 21.23
C THR A 481 -2.76 -9.82 20.42
N SER A 482 -2.40 -9.29 19.26
CA SER A 482 -1.39 -9.87 18.40
C SER A 482 -0.04 -9.19 18.63
N ALA A 483 1.02 -9.85 18.12
CA ALA A 483 2.38 -9.32 18.23
C ALA A 483 2.70 -8.40 17.05
N PRO A 484 3.53 -7.38 17.27
CA PRO A 484 3.93 -6.52 16.16
C PRO A 484 4.57 -7.33 15.05
N GLY A 485 4.24 -6.96 13.81
CA GLY A 485 4.72 -7.68 12.63
C GLY A 485 3.92 -8.90 12.24
N SER A 486 3.09 -9.45 13.13
CA SER A 486 2.25 -10.61 12.82
C SER A 486 0.85 -10.22 12.35
N ASP A 487 0.61 -8.93 12.14
CA ASP A 487 -0.75 -8.40 12.08
C ASP A 487 -0.80 -7.17 11.19
N SER A 488 -2.02 -6.73 10.90
CA SER A 488 -2.24 -5.44 10.28
C SER A 488 -2.40 -4.31 11.29
N ALA A 489 -2.43 -4.61 12.59
CA ALA A 489 -2.80 -3.63 13.60
C ALA A 489 -1.63 -2.76 14.08
N TRP A 490 -0.38 -3.17 13.84
CA TRP A 490 0.78 -2.47 14.38
C TRP A 490 1.48 -1.69 13.28
N LEU A 491 1.82 -0.43 13.57
CA LEU A 491 2.59 0.41 12.65
C LEU A 491 3.98 0.62 13.22
N LYS A 492 5.00 0.30 12.43
CA LYS A 492 6.38 0.58 12.81
C LYS A 492 6.62 2.07 12.75
N VAL A 493 6.93 2.69 13.89
CA VAL A 493 7.06 4.14 14.00
C VAL A 493 8.44 4.58 14.42
N GLY A 494 9.29 3.68 14.90
CA GLY A 494 10.61 4.08 15.33
C GLY A 494 11.54 2.90 15.45
N ARG A 495 12.79 3.25 15.74
CA ARG A 495 13.86 2.29 15.89
C ARG A 495 14.59 2.40 17.23
N VAL A 496 15.14 1.25 17.62
CA VAL A 496 15.91 1.01 18.82
C VAL A 496 14.93 0.89 19.97
N THR B 1 -32.66 -21.97 -6.09
CA THR B 1 -31.92 -22.51 -4.94
C THR B 1 -32.44 -21.92 -3.63
N ARG B 2 -32.93 -22.78 -2.75
CA ARG B 2 -33.44 -22.35 -1.46
C ARG B 2 -32.34 -21.68 -0.65
N LYS B 3 -32.67 -20.54 -0.05
CA LYS B 3 -31.72 -19.83 0.79
C LYS B 3 -31.46 -20.62 2.07
N ALA B 4 -30.20 -20.64 2.49
CA ALA B 4 -29.86 -21.27 3.76
C ALA B 4 -30.44 -20.47 4.92
N VAL B 5 -30.90 -21.18 5.94
CA VAL B 5 -31.36 -20.58 7.21
C VAL B 5 -30.67 -21.37 8.31
N ILE B 6 -29.60 -20.80 8.86
CA ILE B 6 -28.66 -21.50 9.73
C ILE B 6 -28.81 -20.95 11.15
N GLY B 7 -29.39 -21.75 12.03
CA GLY B 7 -29.60 -21.35 13.42
C GLY B 7 -28.64 -22.08 14.36
N TYR B 8 -27.93 -21.30 15.16
CA TYR B 8 -27.09 -21.89 16.19
C TYR B 8 -27.95 -22.44 17.32
N TYR B 9 -27.66 -23.67 17.73
CA TYR B 9 -28.16 -24.21 19.00
C TYR B 9 -26.96 -24.31 19.94
N PHE B 10 -26.91 -23.43 20.93
CA PHE B 10 -25.83 -23.41 21.90
C PHE B 10 -26.32 -23.93 23.23
N ILE B 11 -25.58 -24.87 23.81
CA ILE B 11 -25.91 -25.40 25.13
C ILE B 11 -24.61 -25.62 25.89
N PRO B 12 -24.44 -24.97 27.04
CA PRO B 12 -23.20 -25.16 27.81
C PRO B 12 -23.10 -26.58 28.34
N THR B 13 -21.87 -26.95 28.72
CA THR B 13 -21.61 -28.30 29.21
C THR B 13 -22.44 -28.60 30.44
N ASN B 14 -22.57 -27.61 31.34
CA ASN B 14 -23.40 -27.73 32.53
C ASN B 14 -24.81 -28.18 32.16
N GLN B 15 -25.40 -27.58 31.11
CA GLN B 15 -26.77 -27.90 30.73
C GLN B 15 -26.87 -29.25 30.04
N ILE B 16 -25.83 -29.64 29.28
CA ILE B 16 -25.81 -30.99 28.71
C ILE B 16 -25.83 -32.04 29.81
N ASN B 17 -24.93 -31.89 30.80
CA ASN B 17 -24.79 -32.89 31.86
C ASN B 17 -26.03 -32.98 32.74
N ASN B 18 -26.85 -31.93 32.78
CA ASN B 18 -28.07 -31.91 33.58
C ASN B 18 -29.30 -31.72 32.70
N TYR B 19 -29.21 -32.19 31.46
CA TYR B 19 -30.24 -31.88 30.47
C TYR B 19 -31.61 -32.35 30.94
N THR B 20 -32.60 -31.48 30.79
CA THR B 20 -33.99 -31.78 31.10
C THR B 20 -34.88 -30.88 30.26
N GLU B 21 -36.03 -31.41 29.85
CA GLU B 21 -36.97 -30.66 29.03
C GLU B 21 -38.18 -30.18 29.82
N THR B 22 -38.09 -30.18 31.17
CA THR B 22 -39.20 -29.81 32.02
C THR B 22 -38.78 -28.84 33.13
N ASP B 23 -37.69 -28.09 32.94
CA ASP B 23 -37.22 -27.18 33.99
C ASP B 23 -36.37 -26.10 33.30
N THR B 24 -37.01 -24.99 32.96
CA THR B 24 -36.32 -23.87 32.31
C THR B 24 -35.28 -23.21 33.21
N SER B 25 -35.32 -23.47 34.52
CA SER B 25 -34.29 -22.94 35.40
C SER B 25 -32.97 -23.68 35.25
N VAL B 26 -33.01 -24.91 34.78
CA VAL B 26 -31.81 -25.70 34.50
C VAL B 26 -31.42 -25.62 33.02
N VAL B 27 -32.37 -25.89 32.13
CA VAL B 27 -32.16 -25.77 30.70
C VAL B 27 -33.22 -24.83 30.14
N PRO B 28 -32.86 -23.55 29.93
CA PRO B 28 -33.86 -22.59 29.44
C PRO B 28 -34.43 -22.89 28.07
N PHE B 29 -33.64 -23.52 27.19
CA PHE B 29 -34.06 -23.78 25.80
C PHE B 29 -33.73 -25.21 25.43
N PRO B 30 -34.56 -26.17 25.85
CA PRO B 30 -34.34 -27.56 25.44
C PRO B 30 -34.70 -27.75 23.97
N VAL B 31 -34.20 -28.85 23.41
CA VAL B 31 -34.46 -29.16 22.00
C VAL B 31 -35.95 -29.29 21.73
N SER B 32 -36.73 -29.68 22.75
CA SER B 32 -38.17 -29.83 22.59
C SER B 32 -38.83 -28.53 22.16
N ASN B 33 -38.22 -27.37 22.43
CA ASN B 33 -38.77 -26.10 22.00
C ASN B 33 -38.68 -25.91 20.48
N ILE B 34 -37.88 -26.73 19.79
CA ILE B 34 -37.80 -26.67 18.33
C ILE B 34 -38.87 -27.61 17.79
N THR B 35 -40.06 -27.05 17.54
CA THR B 35 -41.20 -27.81 17.07
C THR B 35 -40.98 -28.27 15.62
N PRO B 36 -41.82 -29.18 15.12
CA PRO B 36 -41.73 -29.52 13.69
C PRO B 36 -41.85 -28.32 12.76
N ALA B 37 -42.67 -27.34 13.13
CA ALA B 37 -42.80 -26.14 12.30
C ALA B 37 -41.47 -25.39 12.23
N LYS B 38 -40.79 -25.25 13.37
CA LYS B 38 -39.50 -24.56 13.37
C LYS B 38 -38.44 -25.37 12.64
N ALA B 39 -38.49 -26.70 12.78
CA ALA B 39 -37.55 -27.56 12.07
C ALA B 39 -37.67 -27.41 10.55
N LYS B 40 -38.90 -27.23 10.06
CA LYS B 40 -39.08 -27.02 8.62
C LYS B 40 -38.60 -25.66 8.16
N GLN B 41 -38.52 -24.69 9.06
CA GLN B 41 -38.07 -23.35 8.70
C GLN B 41 -36.55 -23.22 8.67
N LEU B 42 -35.84 -24.19 9.23
CA LEU B 42 -34.38 -24.21 9.24
C LEU B 42 -33.85 -25.08 8.10
N THR B 43 -32.69 -24.70 7.56
CA THR B 43 -31.93 -25.62 6.73
C THR B 43 -30.75 -26.23 7.45
N HIS B 44 -30.20 -25.53 8.44
CA HIS B 44 -29.06 -25.98 9.23
C HIS B 44 -29.27 -25.62 10.68
N ILE B 45 -28.89 -26.51 11.58
CA ILE B 45 -28.72 -26.19 12.99
C ILE B 45 -27.24 -26.41 13.32
N ASN B 46 -26.59 -25.34 13.80
CA ASN B 46 -25.19 -25.42 14.22
C ASN B 46 -25.16 -25.76 15.70
N PHE B 47 -25.00 -27.04 16.02
CA PHE B 47 -24.78 -27.41 17.41
C PHE B 47 -23.41 -26.90 17.87
N SER B 48 -23.37 -26.31 19.06
CA SER B 48 -22.18 -25.61 19.52
C SER B 48 -22.10 -25.66 21.04
N PHE B 49 -20.88 -25.72 21.58
CA PHE B 49 -19.62 -25.74 20.83
C PHE B 49 -18.78 -26.97 21.16
N LEU B 50 -18.11 -27.54 20.16
CA LEU B 50 -17.01 -28.46 20.40
C LEU B 50 -15.69 -27.68 20.34
N ASP B 51 -14.58 -28.38 20.56
CA ASP B 51 -13.28 -27.73 20.75
C ASP B 51 -12.20 -28.57 20.07
N ILE B 52 -10.97 -28.06 20.12
CA ILE B 52 -9.77 -28.80 19.74
C ILE B 52 -8.93 -28.98 21.01
N ASN B 53 -8.65 -30.22 21.38
CA ASN B 53 -7.96 -30.48 22.63
C ASN B 53 -6.44 -30.39 22.45
N SER B 54 -5.70 -30.66 23.52
CA SER B 54 -4.24 -30.58 23.47
C SER B 54 -3.63 -31.68 22.63
N ASN B 55 -4.38 -32.75 22.34
CA ASN B 55 -3.93 -33.74 21.37
C ASN B 55 -4.15 -33.27 19.94
N LEU B 56 -4.62 -32.03 19.76
CA LEU B 56 -4.83 -31.43 18.43
C LEU B 56 -5.89 -32.19 17.63
N GLU B 57 -6.92 -32.66 18.34
CA GLU B 57 -8.05 -33.33 17.72
C GLU B 57 -9.33 -32.65 18.13
N CYS B 58 -10.32 -32.70 17.24
CA CYS B 58 -11.67 -32.27 17.59
C CYS B 58 -12.19 -33.10 18.74
N ALA B 59 -12.76 -32.44 19.76
CA ALA B 59 -13.23 -33.17 20.92
C ALA B 59 -14.29 -32.36 21.65
N TRP B 60 -15.16 -33.07 22.35
CA TRP B 60 -16.05 -32.43 23.31
C TRP B 60 -15.25 -31.89 24.49
N ASP B 61 -15.83 -30.91 25.16
CA ASP B 61 -15.35 -30.48 26.47
C ASP B 61 -15.10 -31.72 27.34
N PRO B 62 -13.92 -31.86 27.93
CA PRO B 62 -13.64 -33.07 28.72
C PRO B 62 -14.59 -33.30 29.88
N ALA B 63 -15.26 -32.26 30.36
CA ALA B 63 -16.23 -32.43 31.44
C ALA B 63 -17.60 -32.89 30.95
N THR B 64 -17.76 -33.15 29.65
CA THR B 64 -19.05 -33.54 29.10
C THR B 64 -19.38 -34.99 29.45
N ASN B 65 -20.58 -35.22 29.97
CA ASN B 65 -21.15 -36.56 30.08
C ASN B 65 -21.49 -37.04 28.68
N ASP B 66 -20.75 -38.03 28.18
CA ASP B 66 -20.88 -38.41 26.78
C ASP B 66 -22.26 -38.97 26.47
N ALA B 67 -22.84 -39.74 27.38
CA ALA B 67 -24.19 -40.27 27.15
C ALA B 67 -25.20 -39.14 27.06
N LYS B 68 -25.11 -38.16 27.96
CA LYS B 68 -26.02 -37.02 27.91
C LYS B 68 -25.80 -36.21 26.63
N ALA B 69 -24.56 -36.10 26.17
CA ALA B 69 -24.29 -35.37 24.93
C ALA B 69 -24.95 -36.07 23.74
N ARG B 70 -24.79 -37.40 23.66
CA ARG B 70 -25.43 -38.15 22.58
C ARG B 70 -26.94 -37.97 22.61
N ASP B 71 -27.53 -37.90 23.80
CA ASP B 71 -28.98 -37.75 23.91
C ASP B 71 -29.42 -36.39 23.36
N VAL B 72 -28.68 -35.33 23.67
CA VAL B 72 -29.02 -33.99 23.16
C VAL B 72 -28.91 -33.98 21.64
N VAL B 73 -27.82 -34.52 21.10
CA VAL B 73 -27.64 -34.54 19.65
C VAL B 73 -28.72 -35.37 18.98
N ASN B 74 -29.09 -36.50 19.58
CA ASN B 74 -30.14 -37.35 19.01
C ASN B 74 -31.46 -36.60 18.91
N ARG B 75 -31.76 -35.76 19.89
CA ARG B 75 -32.99 -34.98 19.83
C ARG B 75 -32.96 -33.99 18.68
N LEU B 76 -31.78 -33.46 18.36
CA LEU B 76 -31.66 -32.57 17.21
C LEU B 76 -31.77 -33.35 15.90
N THR B 77 -31.05 -34.47 15.80
CA THR B 77 -31.06 -35.20 14.52
C THR B 77 -32.41 -35.85 14.27
N ALA B 78 -33.21 -36.11 15.31
CA ALA B 78 -34.56 -36.61 15.13
C ALA B 78 -35.46 -35.59 14.44
N LEU B 79 -35.13 -34.30 14.54
CA LEU B 79 -35.90 -33.26 13.86
C LEU B 79 -35.88 -33.41 12.35
N LYS B 80 -34.88 -34.10 11.81
CA LYS B 80 -34.81 -34.31 10.37
C LYS B 80 -35.99 -35.12 9.84
N ALA B 81 -36.71 -35.82 10.72
CA ALA B 81 -37.93 -36.50 10.31
C ALA B 81 -38.96 -35.52 9.75
N HIS B 82 -38.93 -34.27 10.21
CA HIS B 82 -39.87 -33.24 9.78
C HIS B 82 -39.37 -32.43 8.60
N ASN B 83 -38.09 -32.53 8.24
CA ASN B 83 -37.50 -31.69 7.20
C ASN B 83 -36.37 -32.46 6.55
N PRO B 84 -36.61 -33.06 5.38
CA PRO B 84 -35.56 -33.87 4.73
C PRO B 84 -34.38 -33.05 4.20
N SER B 85 -34.46 -31.73 4.22
CA SER B 85 -33.33 -30.88 3.86
C SER B 85 -32.50 -30.45 5.07
N LEU B 86 -32.98 -30.70 6.28
CA LEU B 86 -32.34 -30.18 7.48
C LEU B 86 -31.03 -30.91 7.78
N ARG B 87 -30.00 -30.14 8.12
CA ARG B 87 -28.70 -30.66 8.53
C ARG B 87 -28.40 -30.23 9.96
N ILE B 88 -27.96 -31.17 10.78
CA ILE B 88 -27.45 -30.86 12.12
C ILE B 88 -25.93 -30.77 12.00
N MET B 89 -25.42 -29.57 11.84
CA MET B 89 -23.99 -29.34 11.89
C MET B 89 -23.52 -29.31 13.34
N PHE B 90 -22.19 -29.45 13.53
CA PHE B 90 -21.58 -29.12 14.80
C PHE B 90 -20.48 -28.10 14.58
N SER B 91 -20.36 -27.17 15.52
CA SER B 91 -19.43 -26.05 15.40
C SER B 91 -18.26 -26.28 16.34
N ILE B 92 -17.04 -26.13 15.81
CA ILE B 92 -15.81 -26.23 16.58
C ILE B 92 -15.31 -24.82 16.82
N GLY B 93 -15.16 -24.45 18.08
CA GLY B 93 -14.58 -23.16 18.40
C GLY B 93 -15.50 -22.23 19.18
N GLY B 94 -15.83 -21.10 18.58
CA GLY B 94 -16.48 -20.03 19.29
C GLY B 94 -15.48 -19.10 19.94
N TRP B 95 -15.98 -17.98 20.46
CA TRP B 95 -15.10 -16.97 21.05
C TRP B 95 -14.34 -17.53 22.24
N TYR B 96 -15.05 -18.14 23.19
CA TYR B 96 -14.43 -18.56 24.44
C TYR B 96 -13.26 -19.51 24.20
N TYR B 97 -13.44 -20.50 23.33
CA TYR B 97 -12.39 -21.49 23.08
C TYR B 97 -11.26 -20.92 22.22
N SER B 98 -11.58 -20.15 21.18
CA SER B 98 -10.64 -19.95 20.08
C SER B 98 -10.08 -18.53 19.95
N ASN B 99 -10.55 -17.57 20.74
CA ASN B 99 -9.96 -16.23 20.63
C ASN B 99 -8.51 -16.26 21.10
N ASP B 100 -7.75 -15.23 20.69
CA ASP B 100 -6.30 -15.21 20.94
C ASP B 100 -5.96 -15.55 22.39
N LEU B 101 -6.76 -15.05 23.33
CA LEU B 101 -6.56 -15.29 24.74
C LEU B 101 -7.44 -16.40 25.29
N GLY B 102 -8.03 -17.21 24.42
CA GLY B 102 -8.91 -18.27 24.88
C GLY B 102 -8.14 -19.48 25.37
N VAL B 103 -8.85 -20.32 26.13
CA VAL B 103 -8.22 -21.44 26.81
C VAL B 103 -7.61 -22.43 25.82
N SER B 104 -8.21 -22.59 24.64
CA SER B 104 -7.77 -23.61 23.70
C SER B 104 -7.12 -23.02 22.46
N HIS B 105 -6.82 -21.72 22.44
CA HIS B 105 -6.33 -21.08 21.22
C HIS B 105 -5.11 -21.78 20.64
N ALA B 106 -4.16 -22.16 21.50
CA ALA B 106 -2.93 -22.77 21.00
C ALA B 106 -3.20 -24.07 20.26
N ASN B 107 -4.26 -24.80 20.65
CA ASN B 107 -4.60 -26.03 19.95
C ASN B 107 -5.03 -25.77 18.51
N TYR B 108 -5.69 -24.64 18.25
CA TYR B 108 -6.08 -24.32 16.89
C TYR B 108 -4.87 -23.97 16.03
N VAL B 109 -3.96 -23.16 16.58
CA VAL B 109 -2.75 -22.80 15.84
C VAL B 109 -1.91 -24.04 15.55
N ASN B 110 -1.76 -24.92 16.53
CA ASN B 110 -0.88 -26.07 16.38
C ASN B 110 -1.48 -27.16 15.50
N ALA B 111 -2.81 -27.29 15.50
CA ALA B 111 -3.44 -28.38 14.75
C ALA B 111 -3.26 -28.22 13.25
N VAL B 112 -3.14 -27.00 12.75
CA VAL B 112 -3.09 -26.76 11.31
C VAL B 112 -1.65 -26.60 10.80
N LYS B 113 -0.66 -26.89 11.64
CA LYS B 113 0.71 -26.51 11.32
C LYS B 113 1.32 -27.37 10.22
N THR B 114 1.14 -28.68 10.28
CA THR B 114 1.87 -29.61 9.43
C THR B 114 0.91 -30.52 8.68
N PRO B 115 1.36 -31.14 7.59
CA PRO B 115 0.52 -32.14 6.93
C PRO B 115 0.03 -33.24 7.86
N ALA B 116 0.90 -33.73 8.75
CA ALA B 116 0.47 -34.79 9.67
C ALA B 116 -0.54 -34.27 10.69
N SER B 117 -0.31 -33.07 11.25
CA SER B 117 -1.27 -32.55 12.22
C SER B 117 -2.61 -32.24 11.56
N ARG B 118 -2.57 -31.67 10.35
CA ARG B 118 -3.79 -31.39 9.61
C ARG B 118 -4.55 -32.68 9.30
N ALA B 119 -3.83 -33.72 8.85
CA ALA B 119 -4.49 -34.99 8.59
C ALA B 119 -5.13 -35.56 9.84
N LYS B 120 -4.42 -35.49 10.98
CA LYS B 120 -4.95 -36.03 12.22
C LYS B 120 -6.18 -35.26 12.70
N PHE B 121 -6.14 -33.93 12.59
CA PHE B 121 -7.27 -33.11 13.00
C PHE B 121 -8.46 -33.33 12.08
N ALA B 122 -8.22 -33.34 10.77
CA ALA B 122 -9.32 -33.52 9.82
C ALA B 122 -9.99 -34.87 10.02
N GLN B 123 -9.21 -35.93 10.25
CA GLN B 123 -9.80 -37.23 10.53
C GLN B 123 -10.67 -37.20 11.78
N SER B 124 -10.21 -36.50 12.82
CA SER B 124 -11.00 -36.44 14.05
C SER B 124 -12.32 -35.71 13.83
N CYS B 125 -12.34 -34.71 12.92
CA CYS B 125 -13.58 -34.01 12.64
C CYS B 125 -14.62 -34.94 12.03
N VAL B 126 -14.21 -35.74 11.03
CA VAL B 126 -15.15 -36.66 10.39
C VAL B 126 -15.53 -37.78 11.33
N ARG B 127 -14.60 -38.21 12.20
CA ARG B 127 -14.90 -39.26 13.16
C ARG B 127 -15.96 -38.79 14.16
N ILE B 128 -15.81 -37.58 14.67
CA ILE B 128 -16.82 -37.01 15.56
C ILE B 128 -18.17 -36.89 14.84
N MET B 129 -18.14 -36.39 13.60
CA MET B 129 -19.36 -36.23 12.83
C MET B 129 -20.12 -37.56 12.70
N LYS B 130 -19.40 -38.63 12.36
CA LYS B 130 -20.07 -39.92 12.15
C LYS B 130 -20.47 -40.56 13.47
N ASP B 131 -19.64 -40.43 14.50
CA ASP B 131 -19.91 -41.09 15.77
C ASP B 131 -21.18 -40.56 16.43
N TYR B 132 -21.43 -39.26 16.32
CA TYR B 132 -22.57 -38.64 16.98
C TYR B 132 -23.73 -38.36 16.03
N GLY B 133 -23.56 -38.55 14.73
CA GLY B 133 -24.64 -38.41 13.79
C GLY B 133 -24.83 -37.03 13.20
N PHE B 134 -23.79 -36.21 13.18
CA PHE B 134 -23.88 -34.88 12.60
C PHE B 134 -23.86 -34.95 11.07
N ASP B 135 -24.29 -33.86 10.44
CA ASP B 135 -24.40 -33.79 8.99
C ASP B 135 -23.32 -32.92 8.36
N GLY B 136 -22.41 -32.37 9.15
CA GLY B 136 -21.36 -31.55 8.60
C GLY B 136 -20.54 -30.93 9.70
N VAL B 137 -19.50 -30.20 9.27
CA VAL B 137 -18.51 -29.60 10.16
C VAL B 137 -18.52 -28.09 9.94
N ASP B 138 -18.60 -27.34 11.03
CA ASP B 138 -18.48 -25.89 11.02
C ASP B 138 -17.35 -25.50 11.96
N ILE B 139 -16.45 -24.64 11.50
CA ILE B 139 -15.28 -24.23 12.28
C ILE B 139 -15.39 -22.75 12.57
N ASP B 140 -15.38 -22.39 13.84
CA ASP B 140 -15.53 -21.01 14.29
C ASP B 140 -14.26 -20.59 15.03
N TRP B 141 -13.16 -20.48 14.29
CA TRP B 141 -11.90 -19.99 14.84
C TRP B 141 -11.89 -18.46 14.70
N GLU B 142 -11.86 -17.76 15.83
CA GLU B 142 -11.99 -16.31 15.87
C GLU B 142 -10.73 -15.67 16.46
N TYR B 143 -9.69 -15.48 15.65
CA TYR B 143 -9.63 -15.73 14.20
C TYR B 143 -8.19 -16.09 13.86
N PRO B 144 -7.97 -16.85 12.79
CA PRO B 144 -6.59 -17.15 12.39
C PRO B 144 -5.86 -15.89 11.95
N GLN B 145 -4.59 -15.79 12.34
CA GLN B 145 -3.77 -14.67 11.97
C GLN B 145 -3.04 -14.96 10.66
N ALA B 146 -2.46 -13.92 10.08
CA ALA B 146 -1.89 -14.00 8.73
C ALA B 146 -0.98 -15.21 8.55
N ALA B 147 -0.07 -15.43 9.50
CA ALA B 147 0.89 -16.53 9.35
C ALA B 147 0.24 -17.90 9.50
N GLU B 148 -0.96 -17.97 10.08
CA GLU B 148 -1.65 -19.22 10.29
C GLU B 148 -2.63 -19.57 9.18
N VAL B 149 -2.88 -18.64 8.25
CA VAL B 149 -3.97 -18.80 7.30
C VAL B 149 -3.70 -19.97 6.34
N ASP B 150 -2.47 -20.07 5.84
CA ASP B 150 -2.16 -21.13 4.87
C ASP B 150 -2.37 -22.51 5.46
N GLY B 151 -1.96 -22.72 6.71
CA GLY B 151 -2.22 -23.99 7.36
C GLY B 151 -3.71 -24.20 7.62
N PHE B 152 -4.40 -23.14 8.03
CA PHE B 152 -5.85 -23.19 8.21
C PHE B 152 -6.56 -23.63 6.92
N ILE B 153 -6.16 -23.04 5.80
CA ILE B 153 -6.76 -23.39 4.51
C ILE B 153 -6.50 -24.86 4.17
N ALA B 154 -5.26 -25.30 4.31
CA ALA B 154 -4.94 -26.68 3.99
C ALA B 154 -5.71 -27.64 4.89
N ALA B 155 -5.98 -27.24 6.14
CA ALA B 155 -6.81 -28.08 7.00
C ALA B 155 -8.24 -28.17 6.48
N LEU B 156 -8.81 -27.04 6.06
CA LEU B 156 -10.14 -27.05 5.48
C LEU B 156 -10.21 -27.93 4.25
N GLN B 157 -9.19 -27.84 3.37
CA GLN B 157 -9.15 -28.70 2.20
C GLN B 157 -9.13 -30.18 2.58
N GLU B 158 -8.37 -30.52 3.62
CA GLU B 158 -8.31 -31.92 4.04
C GLU B 158 -9.65 -32.41 4.56
N ILE B 159 -10.34 -31.58 5.35
CA ILE B 159 -11.68 -31.95 5.80
C ILE B 159 -12.61 -32.12 4.61
N ARG B 160 -12.49 -31.22 3.62
CA ARG B 160 -13.32 -31.30 2.43
C ARG B 160 -13.14 -32.65 1.73
N THR B 161 -11.89 -33.08 1.55
CA THR B 161 -11.64 -34.37 0.91
C THR B 161 -12.29 -35.51 1.68
N LEU B 162 -12.14 -35.54 3.00
CA LEU B 162 -12.70 -36.63 3.79
C LEU B 162 -14.21 -36.59 3.80
N LEU B 163 -14.81 -35.39 3.82
CA LEU B 163 -16.27 -35.30 3.79
C LEU B 163 -16.81 -35.80 2.46
N ASN B 164 -16.15 -35.45 1.35
CA ASN B 164 -16.61 -35.90 0.05
C ASN B 164 -16.50 -37.42 -0.08
N GLN B 165 -15.42 -38.00 0.45
CA GLN B 165 -15.31 -39.45 0.46
C GLN B 165 -16.35 -40.08 1.37
N GLN B 166 -16.64 -39.45 2.51
CA GLN B 166 -17.66 -40.00 3.40
C GLN B 166 -19.04 -39.93 2.76
N THR B 167 -19.31 -38.87 1.99
CA THR B 167 -20.58 -38.75 1.28
C THR B 167 -20.80 -39.94 0.35
N ILE B 168 -19.77 -40.30 -0.42
CA ILE B 168 -19.86 -41.44 -1.32
C ILE B 168 -20.03 -42.73 -0.54
N THR B 169 -19.19 -42.92 0.48
CA THR B 169 -19.24 -44.15 1.28
C THR B 169 -20.62 -44.38 1.90
N ASP B 170 -21.28 -43.31 2.33
CA ASP B 170 -22.57 -43.43 2.99
C ASP B 170 -23.75 -43.27 2.05
N GLY B 171 -23.52 -43.15 0.75
CA GLY B 171 -24.61 -42.98 -0.18
C GLY B 171 -25.41 -41.72 0.06
N ARG B 172 -24.76 -40.65 0.52
CA ARG B 172 -25.43 -39.42 0.94
C ARG B 172 -25.42 -38.36 -0.15
N GLN B 173 -25.41 -38.76 -1.43
CA GLN B 173 -25.40 -37.78 -2.52
C GLN B 173 -26.60 -36.85 -2.46
N ALA B 174 -27.74 -37.31 -1.95
CA ALA B 174 -28.92 -36.46 -1.86
C ALA B 174 -28.78 -35.39 -0.79
N LEU B 175 -27.90 -35.60 0.19
CA LEU B 175 -27.69 -34.63 1.27
C LEU B 175 -26.22 -34.71 1.69
N PRO B 176 -25.31 -34.24 0.85
CA PRO B 176 -23.88 -34.42 1.12
C PRO B 176 -23.47 -33.75 2.42
N TYR B 177 -22.47 -34.33 3.07
CA TYR B 177 -21.87 -33.68 4.23
C TYR B 177 -21.24 -32.35 3.80
N GLN B 178 -21.33 -31.36 4.68
CA GLN B 178 -20.96 -30.00 4.33
C GLN B 178 -19.89 -29.46 5.27
N LEU B 179 -19.24 -28.40 4.82
CA LEU B 179 -18.17 -27.73 5.56
C LEU B 179 -18.40 -26.23 5.49
N THR B 180 -18.47 -25.58 6.65
CA THR B 180 -18.67 -24.14 6.73
C THR B 180 -17.70 -23.57 7.76
N ILE B 181 -17.54 -22.25 7.74
CA ILE B 181 -16.87 -21.53 8.81
C ILE B 181 -17.71 -20.32 9.18
N ALA B 182 -17.54 -19.85 10.41
CA ALA B 182 -17.98 -18.51 10.80
C ALA B 182 -16.86 -17.52 10.50
N GLY B 183 -17.17 -16.49 9.74
CA GLY B 183 -16.19 -15.47 9.40
C GLY B 183 -16.43 -14.15 10.09
N ALA B 184 -15.38 -13.33 10.20
CA ALA B 184 -15.52 -12.00 10.79
C ALA B 184 -16.51 -11.17 9.99
N GLY B 185 -17.32 -10.38 10.70
CA GLY B 185 -18.25 -9.47 10.06
C GLY B 185 -17.85 -8.01 10.13
N GLY B 186 -16.65 -7.70 10.62
CA GLY B 186 -16.16 -6.33 10.65
C GLY B 186 -14.72 -6.31 10.20
N ALA B 187 -14.31 -5.14 9.67
CA ALA B 187 -13.03 -5.05 8.97
C ALA B 187 -11.83 -5.31 9.88
N PHE B 188 -11.97 -5.05 11.18
CA PHE B 188 -10.80 -5.17 12.07
C PHE B 188 -10.31 -6.60 12.16
N PHE B 189 -11.20 -7.53 12.53
CA PHE B 189 -10.82 -8.93 12.56
C PHE B 189 -10.63 -9.49 11.15
N LEU B 190 -11.43 -9.02 10.20
CA LEU B 190 -11.33 -9.52 8.81
C LEU B 190 -9.95 -9.27 8.23
N SER B 191 -9.28 -8.18 8.62
CA SER B 191 -7.98 -7.86 8.03
C SER B 191 -6.94 -8.93 8.28
N ARG B 192 -7.16 -9.80 9.27
CA ARG B 192 -6.20 -10.86 9.58
C ARG B 192 -6.02 -11.81 8.39
N TYR B 193 -7.12 -12.16 7.71
CA TYR B 193 -7.07 -13.16 6.65
C TYR B 193 -7.67 -12.66 5.34
N TYR B 194 -8.04 -11.39 5.26
CA TYR B 194 -8.77 -10.85 4.12
C TYR B 194 -8.10 -11.17 2.78
N SER B 195 -6.77 -11.06 2.72
CA SER B 195 -6.06 -11.25 1.47
C SER B 195 -6.21 -12.66 0.91
N LYS B 196 -6.52 -13.65 1.76
CA LYS B 196 -6.62 -15.03 1.32
C LYS B 196 -8.05 -15.56 1.37
N LEU B 197 -9.04 -14.67 1.20
CA LEU B 197 -10.44 -15.07 1.27
C LEU B 197 -10.76 -16.13 0.23
N ALA B 198 -10.22 -16.00 -0.98
CA ALA B 198 -10.57 -16.92 -2.06
C ALA B 198 -10.18 -18.35 -1.72
N GLN B 199 -8.95 -18.56 -1.25
CA GLN B 199 -8.53 -19.92 -0.90
C GLN B 199 -9.18 -20.42 0.38
N ILE B 200 -9.62 -19.53 1.26
CA ILE B 200 -10.36 -19.94 2.45
C ILE B 200 -11.75 -20.46 2.07
N VAL B 201 -12.44 -19.73 1.19
CA VAL B 201 -13.83 -20.06 0.86
C VAL B 201 -13.93 -21.21 -0.14
N ALA B 202 -12.87 -21.49 -0.91
CA ALA B 202 -12.92 -22.55 -1.91
C ALA B 202 -13.41 -23.90 -1.39
N PRO B 203 -12.90 -24.44 -0.28
CA PRO B 203 -13.40 -25.74 0.18
C PRO B 203 -14.72 -25.71 0.93
N LEU B 204 -15.32 -24.53 1.13
CA LEU B 204 -16.50 -24.42 1.96
C LEU B 204 -17.78 -24.45 1.13
N ASP B 205 -18.87 -24.91 1.76
CA ASP B 205 -20.18 -24.66 1.20
C ASP B 205 -20.65 -23.24 1.51
N TYR B 206 -20.36 -22.74 2.70
CA TYR B 206 -20.76 -21.39 3.10
C TYR B 206 -19.69 -20.80 4.01
N ILE B 207 -19.55 -19.48 3.94
CA ILE B 207 -18.89 -18.71 5.00
C ILE B 207 -19.97 -17.85 5.65
N ASN B 208 -20.19 -18.09 6.94
CA ASN B 208 -21.26 -17.42 7.68
C ASN B 208 -20.70 -16.18 8.36
N LEU B 209 -20.98 -15.01 7.79
CA LEU B 209 -20.43 -13.77 8.31
C LEU B 209 -21.11 -13.38 9.61
N MET B 210 -20.31 -13.09 10.63
CA MET B 210 -20.82 -12.66 11.93
C MET B 210 -21.04 -11.14 11.89
N THR B 211 -22.02 -10.75 11.07
CA THR B 211 -22.35 -9.35 10.83
C THR B 211 -23.27 -8.81 11.92
N TYR B 212 -22.76 -8.88 13.14
CA TYR B 212 -23.36 -8.25 14.31
C TYR B 212 -22.22 -7.91 15.25
N ASP B 213 -22.55 -7.43 16.45
CA ASP B 213 -21.56 -6.89 17.38
C ASP B 213 -20.72 -5.79 16.75
N LEU B 214 -21.26 -5.12 15.72
CA LEU B 214 -20.57 -3.99 15.11
C LEU B 214 -20.70 -2.73 15.95
N ALA B 215 -21.41 -2.80 17.07
CA ALA B 215 -21.46 -1.74 18.06
C ALA B 215 -21.61 -2.38 19.42
N GLY B 216 -21.25 -1.62 20.45
CA GLY B 216 -21.31 -2.12 21.80
C GLY B 216 -20.79 -1.11 22.80
N PRO B 217 -20.96 -1.41 24.09
CA PRO B 217 -20.50 -0.48 25.13
C PRO B 217 -19.02 -0.17 25.08
N TRP B 218 -18.22 -1.00 24.41
CA TRP B 218 -16.79 -0.73 24.26
C TRP B 218 -16.52 0.43 23.31
N GLU B 219 -17.56 0.97 22.69
CA GLU B 219 -17.45 2.12 21.82
C GLU B 219 -18.06 3.31 22.55
N LYS B 220 -17.38 4.44 22.44
CA LYS B 220 -17.67 5.64 23.19
C LYS B 220 -18.97 6.30 22.70
N VAL B 221 -19.39 5.97 21.47
CA VAL B 221 -20.59 6.50 20.83
C VAL B 221 -21.55 5.34 20.57
N THR B 222 -22.77 5.46 21.07
CA THR B 222 -23.79 4.43 20.85
C THR B 222 -24.08 4.27 19.35
N ASN B 223 -24.42 3.05 18.95
CA ASN B 223 -24.65 2.80 17.54
C ASN B 223 -25.38 1.48 17.39
N HIS B 224 -25.96 1.29 16.20
CA HIS B 224 -26.57 0.02 15.85
C HIS B 224 -25.50 -1.05 15.64
N GLN B 225 -25.71 -2.22 16.26
CA GLN B 225 -24.73 -3.30 16.16
C GLN B 225 -24.84 -4.10 14.87
N ALA B 226 -25.90 -3.89 14.09
CA ALA B 226 -26.09 -4.64 12.86
C ALA B 226 -26.82 -3.78 11.83
N ALA B 227 -26.37 -2.53 11.68
CA ALA B 227 -26.91 -1.66 10.65
C ALA B 227 -26.74 -2.29 9.27
N LEU B 228 -27.82 -2.33 8.49
CA LEU B 228 -27.71 -2.83 7.13
C LEU B 228 -26.95 -1.84 6.25
N PHE B 229 -27.38 -0.58 6.25
CA PHE B 229 -26.71 0.48 5.53
C PHE B 229 -26.25 1.55 6.52
N GLY B 230 -25.43 2.46 6.03
CA GLY B 230 -24.83 3.46 6.87
C GLY B 230 -25.70 4.69 7.08
N ASP B 231 -25.53 5.31 8.24
CA ASP B 231 -26.16 6.58 8.57
C ASP B 231 -25.06 7.63 8.70
N ALA B 232 -25.09 8.64 7.81
CA ALA B 232 -24.07 9.67 7.84
C ALA B 232 -24.02 10.41 9.17
N ALA B 233 -25.12 10.41 9.93
CA ALA B 233 -25.13 11.04 11.23
C ALA B 233 -24.46 10.19 12.30
N GLY B 234 -24.24 8.91 12.04
CA GLY B 234 -23.64 8.02 13.01
C GLY B 234 -22.12 8.01 12.92
N PRO B 235 -21.49 7.32 13.86
CA PRO B 235 -20.02 7.28 13.88
C PRO B 235 -19.45 6.49 12.71
N THR B 236 -18.21 6.81 12.38
CA THR B 236 -17.47 6.12 11.34
C THR B 236 -16.19 5.53 11.93
N PHE B 237 -15.58 4.60 11.19
CA PHE B 237 -14.52 3.78 11.71
C PHE B 237 -13.34 3.71 10.75
N TYR B 238 -12.16 3.50 11.32
CA TYR B 238 -10.96 3.21 10.56
C TYR B 238 -11.17 1.94 9.73
N ASN B 239 -10.89 2.03 8.42
CA ASN B 239 -11.03 0.88 7.53
C ASN B 239 -9.75 0.06 7.58
N ALA B 240 -9.72 -0.93 8.48
CA ALA B 240 -8.53 -1.73 8.72
C ALA B 240 -8.06 -2.49 7.48
N LEU B 241 -8.93 -2.73 6.50
CA LEU B 241 -8.54 -3.51 5.34
C LEU B 241 -7.45 -2.83 4.53
N ARG B 242 -7.34 -1.50 4.61
CA ARG B 242 -6.28 -0.80 3.91
C ARG B 242 -4.90 -1.11 4.49
N GLU B 243 -4.84 -1.78 5.65
CA GLU B 243 -3.58 -2.20 6.24
C GLU B 243 -3.29 -3.68 6.03
N ALA B 244 -4.16 -4.40 5.33
CA ALA B 244 -3.92 -5.82 5.08
C ALA B 244 -2.81 -6.01 4.05
N ASN B 245 -2.19 -7.19 4.09
CA ASN B 245 -1.05 -7.49 3.23
C ASN B 245 -1.55 -7.93 1.85
N LEU B 246 -2.02 -6.92 1.10
CA LEU B 246 -2.59 -7.15 -0.22
C LEU B 246 -1.61 -6.87 -1.35
N GLY B 247 -0.62 -6.02 -1.13
CA GLY B 247 0.31 -5.62 -2.17
C GLY B 247 -0.23 -4.61 -3.17
N TRP B 248 -1.34 -3.95 -2.87
CA TRP B 248 -1.92 -2.98 -3.79
C TRP B 248 -1.25 -1.62 -3.62
N SER B 249 -1.41 -0.79 -4.65
CA SER B 249 -0.88 0.57 -4.63
C SER B 249 -1.75 1.46 -3.75
N TRP B 250 -1.27 2.69 -3.53
CA TRP B 250 -2.03 3.64 -2.72
C TRP B 250 -3.39 3.92 -3.35
N GLU B 251 -3.42 4.15 -4.66
CA GLU B 251 -4.69 4.42 -5.34
C GLU B 251 -5.63 3.23 -5.24
N GLU B 252 -5.10 2.01 -5.35
CA GLU B 252 -5.94 0.83 -5.28
C GLU B 252 -6.49 0.61 -3.88
N LEU B 253 -5.65 0.78 -2.85
CA LEU B 253 -6.12 0.66 -1.47
C LEU B 253 -7.17 1.72 -1.17
N THR B 254 -6.92 2.96 -1.58
CA THR B 254 -7.85 4.05 -1.28
C THR B 254 -9.19 3.82 -1.97
N ARG B 255 -9.15 3.35 -3.22
CA ARG B 255 -10.38 3.12 -3.98
C ARG B 255 -11.17 1.93 -3.44
N ALA B 256 -10.49 0.93 -2.89
CA ALA B 256 -11.19 -0.24 -2.36
C ALA B 256 -11.70 -0.04 -0.95
N PHE B 257 -11.00 0.78 -0.15
CA PHE B 257 -11.23 0.86 1.29
C PHE B 257 -11.36 2.32 1.72
N PRO B 258 -12.49 2.96 1.40
CA PRO B 258 -12.71 4.34 1.87
C PRO B 258 -12.66 4.39 3.39
N SER B 259 -12.06 5.45 3.91
CA SER B 259 -11.85 5.55 5.35
C SER B 259 -11.91 7.02 5.77
N PRO B 260 -12.60 7.34 6.87
CA PRO B 260 -13.38 6.38 7.66
C PRO B 260 -14.65 5.93 6.94
N PHE B 261 -15.29 4.88 7.42
CA PHE B 261 -16.43 4.30 6.74
C PHE B 261 -17.47 3.85 7.77
N SER B 262 -18.66 3.53 7.28
CA SER B 262 -19.76 3.09 8.13
C SER B 262 -19.66 1.58 8.32
N LEU B 263 -19.52 1.15 9.57
CA LEU B 263 -19.38 -0.26 9.90
C LEU B 263 -20.76 -0.91 9.86
N THR B 264 -21.09 -1.52 8.73
CA THR B 264 -22.43 -2.04 8.48
C THR B 264 -22.38 -3.47 7.97
N VAL B 265 -23.55 -4.09 7.89
CA VAL B 265 -23.67 -5.41 7.28
C VAL B 265 -23.31 -5.34 5.80
N ASP B 266 -23.83 -4.32 5.11
CA ASP B 266 -23.56 -4.16 3.68
C ASP B 266 -22.06 -4.00 3.42
N ALA B 267 -21.36 -3.29 4.31
CA ALA B 267 -19.91 -3.13 4.15
C ALA B 267 -19.21 -4.48 4.17
N ALA B 268 -19.53 -5.32 5.16
CA ALA B 268 -18.86 -6.62 5.27
C ALA B 268 -19.12 -7.48 4.04
N VAL B 269 -20.37 -7.50 3.56
CA VAL B 269 -20.71 -8.30 2.40
C VAL B 269 -19.97 -7.79 1.17
N GLN B 270 -20.02 -6.47 0.93
CA GLN B 270 -19.35 -5.91 -0.23
C GLN B 270 -17.84 -6.05 -0.13
N GLN B 271 -17.28 -5.97 1.07
CA GLN B 271 -15.84 -6.17 1.22
C GLN B 271 -15.44 -7.58 0.82
N HIS B 272 -16.29 -8.57 1.11
CA HIS B 272 -16.01 -9.93 0.66
C HIS B 272 -16.14 -10.06 -0.85
N LEU B 273 -17.15 -9.40 -1.44
CA LEU B 273 -17.37 -9.48 -2.88
C LEU B 273 -16.31 -8.73 -3.68
N MET B 274 -15.57 -7.81 -3.06
CA MET B 274 -14.51 -7.10 -3.76
C MET B 274 -13.34 -8.01 -4.13
N MET B 275 -13.23 -9.19 -3.54
CA MET B 275 -12.10 -10.09 -3.77
C MET B 275 -12.46 -11.11 -4.83
N GLU B 276 -11.56 -11.30 -5.80
CA GLU B 276 -11.77 -12.31 -6.83
C GLU B 276 -11.83 -13.71 -6.21
N GLY B 277 -12.70 -14.54 -6.78
CA GLY B 277 -12.83 -15.91 -6.33
C GLY B 277 -13.73 -16.12 -5.14
N VAL B 278 -14.46 -15.10 -4.70
CA VAL B 278 -15.40 -15.25 -3.59
C VAL B 278 -16.81 -15.17 -4.14
N PRO B 279 -17.48 -16.30 -4.35
CA PRO B 279 -18.81 -16.27 -4.97
C PRO B 279 -19.88 -15.82 -3.99
N SER B 280 -20.81 -15.01 -4.49
CA SER B 280 -21.88 -14.49 -3.64
C SER B 280 -22.70 -15.61 -3.03
N ALA B 281 -22.88 -16.72 -3.75
CA ALA B 281 -23.72 -17.81 -3.27
C ALA B 281 -23.14 -18.49 -2.04
N LYS B 282 -21.85 -18.30 -1.74
CA LYS B 282 -21.27 -18.89 -0.54
C LYS B 282 -21.34 -17.98 0.66
N ILE B 283 -21.66 -16.70 0.47
CA ILE B 283 -21.72 -15.74 1.57
C ILE B 283 -23.06 -15.83 2.25
N VAL B 284 -23.03 -16.02 3.58
CA VAL B 284 -24.23 -16.08 4.40
C VAL B 284 -24.18 -14.92 5.38
N MET B 285 -25.28 -14.18 5.48
CA MET B 285 -25.37 -13.01 6.34
C MET B 285 -25.83 -13.42 7.73
N GLY B 286 -25.00 -13.17 8.75
CA GLY B 286 -25.40 -13.42 10.12
C GLY B 286 -26.29 -12.30 10.64
N VAL B 287 -27.26 -12.68 11.47
CA VAL B 287 -28.11 -11.69 12.13
C VAL B 287 -28.19 -12.04 13.62
N PRO B 288 -28.35 -11.07 14.50
CA PRO B 288 -28.45 -11.36 15.93
C PRO B 288 -29.89 -11.50 16.39
N PHE B 289 -30.12 -12.48 17.26
CA PHE B 289 -31.39 -12.63 17.95
C PHE B 289 -31.36 -12.00 19.34
N TYR B 290 -30.39 -11.10 19.58
CA TYR B 290 -30.19 -10.46 20.87
C TYR B 290 -29.93 -8.98 20.65
N GLY B 291 -30.12 -8.20 21.72
CA GLY B 291 -29.81 -6.78 21.69
C GLY B 291 -28.67 -6.37 22.60
N ARG B 292 -28.14 -5.16 22.39
CA ARG B 292 -27.07 -4.58 23.20
C ARG B 292 -27.56 -3.24 23.79
N ALA B 293 -27.47 -3.12 25.09
CA ALA B 293 -27.97 -1.97 25.83
C ALA B 293 -26.97 -0.95 26.39
N PHE B 294 -27.35 0.31 26.27
CA PHE B 294 -26.54 1.44 26.73
C PHE B 294 -27.35 2.37 27.63
N LYS B 295 -26.64 3.01 28.56
CA LYS B 295 -27.15 3.99 29.56
C LYS B 295 -26.38 5.34 29.55
N GLY B 296 -26.98 6.39 30.01
CA GLY B 296 -26.29 7.65 30.01
C GLY B 296 -26.49 8.39 28.71
N VAL B 297 -27.37 7.83 27.95
CA VAL B 297 -27.61 8.31 26.64
C VAL B 297 -28.31 9.64 26.74
N SER B 298 -27.66 10.60 26.15
CA SER B 298 -28.08 11.92 26.24
C SER B 298 -28.37 12.60 24.97
N GLY B 299 -29.63 12.70 24.61
CA GLY B 299 -29.93 13.44 23.42
C GLY B 299 -31.30 13.41 22.82
N GLY B 300 -31.37 14.10 21.71
CA GLY B 300 -32.54 14.19 20.87
C GLY B 300 -32.37 13.28 19.66
N ASN B 301 -31.32 12.46 19.72
CA ASN B 301 -30.90 11.49 18.74
C ASN B 301 -31.85 10.32 18.76
N GLY B 302 -32.68 10.28 19.79
CA GLY B 302 -33.49 9.15 20.14
C GLY B 302 -32.51 8.24 20.94
N GLY B 303 -31.36 8.75 21.37
CA GLY B 303 -30.38 7.94 22.06
C GLY B 303 -29.30 7.36 21.14
N GLN B 304 -29.46 7.59 19.86
CA GLN B 304 -28.54 7.12 18.85
C GLN B 304 -27.33 8.04 18.70
N TYR B 305 -26.13 7.49 18.55
CA TYR B 305 -24.94 8.27 18.24
C TYR B 305 -24.62 9.26 19.35
N SER B 306 -24.82 8.82 20.59
CA SER B 306 -24.66 9.67 21.75
C SER B 306 -23.60 9.09 22.65
N SER B 307 -23.00 9.96 23.47
CA SER B 307 -22.12 9.49 24.51
C SER B 307 -22.93 8.68 25.52
N HIS B 308 -22.23 7.87 26.31
CA HIS B 308 -22.88 6.97 27.24
C HIS B 308 -21.91 6.67 28.36
N SER B 309 -22.44 6.07 29.43
CA SER B 309 -21.66 5.73 30.60
C SER B 309 -21.74 4.23 30.90
N THR B 310 -21.88 3.45 29.85
CA THR B 310 -21.97 2.02 29.96
C THR B 310 -20.64 1.36 30.12
N PRO B 311 -20.56 0.45 31.17
CA PRO B 311 -19.25 -0.17 31.31
C PRO B 311 -18.63 -0.94 30.19
N GLY B 312 -19.29 -1.92 29.63
CA GLY B 312 -18.64 -2.68 28.54
C GLY B 312 -17.26 -3.34 28.81
N GLU B 313 -17.03 -3.70 30.05
CA GLU B 313 -15.88 -4.35 30.53
C GLU B 313 -16.43 -5.71 30.90
N ASP B 314 -15.66 -6.79 30.85
CA ASP B 314 -16.19 -8.11 31.19
C ASP B 314 -15.44 -8.77 32.34
N PRO B 315 -16.13 -9.41 33.38
CA PRO B 315 -17.59 -9.36 33.33
C PRO B 315 -18.15 -8.07 33.91
N TYR B 316 -19.44 -7.87 33.75
CA TYR B 316 -20.07 -6.63 34.16
C TYR B 316 -19.52 -6.18 35.51
N PRO B 317 -18.89 -5.00 35.61
CA PRO B 317 -18.19 -4.59 36.82
C PRO B 317 -19.04 -3.80 37.80
N SER B 318 -20.25 -4.29 38.06
CA SER B 318 -21.20 -3.61 38.93
C SER B 318 -22.37 -4.55 39.20
N THR B 319 -23.27 -4.11 40.07
CA THR B 319 -24.55 -4.77 40.28
C THR B 319 -25.71 -3.88 39.89
N ASP B 320 -25.44 -2.73 39.27
CA ASP B 320 -26.47 -1.83 38.78
C ASP B 320 -27.08 -2.42 37.51
N TYR B 321 -28.26 -3.04 37.65
CA TYR B 321 -28.96 -3.65 36.51
C TYR B 321 -30.02 -2.65 36.08
N TRP B 322 -29.61 -1.71 35.25
CA TRP B 322 -30.38 -0.52 34.94
C TRP B 322 -31.23 -0.68 33.68
N LEU B 323 -31.20 -1.86 33.06
CA LEU B 323 -32.06 -2.10 31.92
C LEU B 323 -33.44 -2.43 32.47
N VAL B 324 -34.27 -1.38 32.63
CA VAL B 324 -35.55 -1.54 33.28
C VAL B 324 -36.38 -2.61 32.57
N GLY B 325 -36.87 -3.56 33.35
CA GLY B 325 -37.71 -4.63 32.85
C GLY B 325 -37.00 -5.86 32.34
N CYS B 326 -35.67 -5.86 32.28
CA CYS B 326 -34.94 -7.03 31.77
C CYS B 326 -34.68 -7.99 32.93
N GLU B 327 -35.62 -8.92 33.15
CA GLU B 327 -35.45 -9.91 34.19
C GLU B 327 -34.36 -10.92 33.84
N GLU B 328 -34.25 -11.31 32.57
CA GLU B 328 -33.17 -12.19 32.17
C GLU B 328 -31.81 -11.56 32.46
N CYS B 329 -31.70 -10.24 32.33
CA CYS B 329 -30.44 -9.55 32.64
C CYS B 329 -30.09 -9.70 34.11
N VAL B 330 -31.09 -9.84 34.98
CA VAL B 330 -30.82 -9.99 36.41
C VAL B 330 -30.33 -11.40 36.72
N ARG B 331 -31.02 -12.41 36.20
CA ARG B 331 -30.58 -13.79 36.41
C ARG B 331 -29.22 -14.02 35.77
N ASP B 332 -29.07 -13.60 34.53
CA ASP B 332 -27.78 -13.75 33.89
C ASP B 332 -26.74 -12.75 34.40
N LYS B 333 -27.14 -11.76 35.20
CA LYS B 333 -26.19 -10.79 35.74
C LYS B 333 -25.40 -9.93 34.73
N ASP B 334 -26.07 -9.40 33.73
CA ASP B 334 -25.47 -8.53 32.74
C ASP B 334 -26.55 -7.71 32.07
N PRO B 335 -26.61 -6.40 32.34
CA PRO B 335 -27.66 -5.57 31.73
C PRO B 335 -27.39 -5.10 30.30
N ARG B 336 -26.27 -5.49 29.68
CA ARG B 336 -25.88 -4.95 28.38
C ARG B 336 -26.27 -5.84 27.19
N ILE B 337 -26.68 -7.11 27.42
CA ILE B 337 -27.22 -8.11 26.45
C ILE B 337 -28.57 -8.60 26.92
N ALA B 338 -29.53 -8.63 25.99
CA ALA B 338 -30.87 -9.13 26.19
C ALA B 338 -31.32 -9.85 24.94
N SER B 339 -31.86 -11.06 25.12
CA SER B 339 -32.46 -11.78 23.99
C SER B 339 -33.63 -10.99 23.42
N TYR B 340 -33.94 -11.25 22.15
CA TYR B 340 -35.13 -10.66 21.57
C TYR B 340 -36.37 -11.02 22.38
N ARG B 341 -36.42 -12.25 22.89
CA ARG B 341 -37.55 -12.68 23.70
C ARG B 341 -37.76 -11.76 24.89
N GLN B 342 -36.67 -11.43 25.59
CA GLN B 342 -36.76 -10.54 26.74
C GLN B 342 -37.09 -9.11 26.30
N LEU B 343 -36.47 -8.63 25.22
CA LEU B 343 -36.73 -7.28 24.74
C LEU B 343 -38.19 -7.10 24.38
N GLU B 344 -38.79 -8.13 23.77
CA GLU B 344 -40.23 -8.10 23.52
C GLU B 344 -40.99 -8.06 24.84
N GLN B 345 -40.58 -8.88 25.81
CA GLN B 345 -41.23 -8.88 27.12
C GLN B 345 -40.98 -7.58 27.87
N MET B 346 -39.92 -6.85 27.55
CA MET B 346 -39.79 -5.52 28.12
C MET B 346 -40.74 -4.51 27.47
N LEU B 347 -41.07 -4.66 26.18
CA LEU B 347 -41.89 -3.69 25.46
C LEU B 347 -43.40 -3.71 25.79
N GLN B 348 -43.93 -4.85 26.21
CA GLN B 348 -45.34 -5.14 26.44
C GLN B 348 -45.67 -5.15 27.93
N GLY B 349 -44.76 -4.72 28.79
CA GLY B 349 -44.95 -4.76 30.22
C GLY B 349 -44.87 -3.42 30.93
N ASN B 350 -45.10 -2.34 30.17
CA ASN B 350 -45.08 -0.97 30.68
C ASN B 350 -43.79 -0.66 31.42
N TYR B 351 -42.71 -0.44 30.67
CA TYR B 351 -41.46 -0.02 31.29
C TYR B 351 -40.99 1.34 30.78
N GLY B 352 -41.75 1.97 29.90
CA GLY B 352 -41.39 3.29 29.43
C GLY B 352 -40.55 3.30 28.18
N TYR B 353 -40.30 2.16 27.56
CA TYR B 353 -39.50 2.13 26.35
C TYR B 353 -40.33 2.60 25.16
N GLN B 354 -39.65 3.29 24.25
CA GLN B 354 -40.18 3.59 22.92
C GLN B 354 -39.41 2.78 21.90
N ARG B 355 -40.12 2.18 20.95
CA ARG B 355 -39.47 1.51 19.83
C ARG B 355 -39.37 2.49 18.69
N LEU B 356 -38.15 2.85 18.32
CA LEU B 356 -37.92 3.78 17.24
C LEU B 356 -37.29 3.04 16.07
N TRP B 357 -37.36 3.64 14.90
CA TRP B 357 -36.88 3.04 13.67
C TRP B 357 -35.94 4.01 12.98
N ASN B 358 -34.80 3.50 12.52
CA ASN B 358 -33.84 4.27 11.74
C ASN B 358 -34.00 3.82 10.29
N ASP B 359 -34.52 4.70 9.44
CA ASP B 359 -34.82 4.32 8.07
C ASP B 359 -33.59 4.35 7.17
N LYS B 360 -32.44 4.80 7.69
CA LYS B 360 -31.18 4.67 6.95
C LYS B 360 -30.57 3.29 7.18
N THR B 361 -30.35 2.94 8.44
CA THR B 361 -29.79 1.63 8.78
C THR B 361 -30.80 0.51 8.62
N LYS B 362 -32.10 0.83 8.57
CA LYS B 362 -33.17 -0.16 8.48
C LYS B 362 -33.13 -1.12 9.66
N THR B 363 -32.95 -0.58 10.85
CA THR B 363 -32.92 -1.37 12.08
C THR B 363 -33.71 -0.67 13.17
N PRO B 364 -34.32 -1.43 14.08
CA PRO B 364 -35.02 -0.84 15.20
C PRO B 364 -34.06 -0.62 16.37
N TYR B 365 -34.55 0.15 17.35
CA TYR B 365 -33.80 0.36 18.58
C TYR B 365 -34.74 0.84 19.66
N LEU B 366 -34.39 0.55 20.91
CA LEU B 366 -35.19 0.97 22.04
C LEU B 366 -34.58 2.22 22.67
N TYR B 367 -35.46 3.11 23.13
CA TYR B 367 -35.05 4.34 23.79
C TYR B 367 -35.93 4.53 25.01
N HIS B 368 -35.32 4.78 26.16
CA HIS B 368 -36.03 4.99 27.41
C HIS B 368 -35.84 6.46 27.78
N ALA B 369 -36.85 7.29 27.47
CA ALA B 369 -36.72 8.73 27.63
C ALA B 369 -36.43 9.14 29.08
N GLN B 370 -37.14 8.55 30.05
CA GLN B 370 -37.04 9.07 31.41
C GLN B 370 -35.71 8.70 32.07
N ASN B 371 -35.07 7.60 31.63
CA ASN B 371 -33.79 7.19 32.18
C ASN B 371 -32.71 7.14 31.10
N GLY B 372 -33.03 7.57 29.86
CA GLY B 372 -32.03 7.68 28.82
C GLY B 372 -31.34 6.35 28.59
N LEU B 373 -32.04 5.36 28.05
CA LEU B 373 -31.46 4.06 27.73
C LEU B 373 -31.54 3.86 26.22
N PHE B 374 -30.58 3.11 25.70
CA PHE B 374 -30.53 2.81 24.27
C PHE B 374 -30.23 1.32 24.11
N VAL B 375 -31.03 0.66 23.27
CA VAL B 375 -30.84 -0.76 22.96
C VAL B 375 -30.84 -0.91 21.45
N THR B 376 -29.79 -1.51 20.91
CA THR B 376 -29.76 -1.88 19.50
C THR B 376 -30.04 -3.36 19.36
N TYR B 377 -30.97 -3.70 18.48
CA TYR B 377 -31.38 -5.08 18.26
C TYR B 377 -31.97 -5.19 16.87
N ASP B 378 -32.34 -6.42 16.49
CA ASP B 378 -32.99 -6.69 15.23
C ASP B 378 -34.35 -7.34 15.50
N ASP B 379 -35.27 -7.20 14.54
CA ASP B 379 -36.61 -7.77 14.68
C ASP B 379 -37.10 -8.21 13.30
N ALA B 380 -38.39 -8.56 13.22
CA ALA B 380 -38.96 -9.04 11.97
C ALA B 380 -38.99 -7.97 10.90
N GLU B 381 -39.02 -6.69 11.28
CA GLU B 381 -39.03 -5.64 10.26
C GLU B 381 -37.65 -5.42 9.66
N SER B 382 -36.61 -5.36 10.51
CA SER B 382 -35.27 -5.23 9.96
C SER B 382 -34.90 -6.45 9.11
N PHE B 383 -35.46 -7.61 9.43
CA PHE B 383 -35.19 -8.81 8.65
C PHE B 383 -35.82 -8.75 7.27
N LYS B 384 -36.85 -7.93 7.07
CA LYS B 384 -37.40 -7.74 5.73
C LYS B 384 -36.34 -7.17 4.78
N TYR B 385 -35.64 -6.13 5.23
CA TYR B 385 -34.63 -5.50 4.39
C TYR B 385 -33.40 -6.38 4.23
N LYS B 386 -33.00 -7.08 5.29
CA LYS B 386 -31.85 -7.97 5.18
C LYS B 386 -32.17 -9.17 4.31
N ALA B 387 -33.40 -9.69 4.36
CA ALA B 387 -33.78 -10.78 3.47
C ALA B 387 -33.82 -10.32 2.01
N LYS B 388 -34.33 -9.11 1.76
CA LYS B 388 -34.33 -8.61 0.38
C LYS B 388 -32.91 -8.35 -0.10
N TYR B 389 -32.05 -7.84 0.77
CA TYR B 389 -30.64 -7.68 0.45
C TYR B 389 -30.02 -9.02 0.07
N ILE B 390 -30.31 -10.07 0.84
CA ILE B 390 -29.78 -11.40 0.55
C ILE B 390 -30.23 -11.87 -0.83
N LYS B 391 -31.49 -11.58 -1.19
CA LYS B 391 -31.98 -11.98 -2.51
C LYS B 391 -31.38 -11.13 -3.62
N GLN B 392 -31.31 -9.82 -3.42
CA GLN B 392 -30.77 -8.92 -4.44
C GLN B 392 -29.30 -9.21 -4.71
N GLN B 393 -28.53 -9.47 -3.66
CA GLN B 393 -27.10 -9.69 -3.80
C GLN B 393 -26.77 -11.15 -4.08
N GLN B 394 -27.79 -12.00 -4.25
CA GLN B 394 -27.60 -13.41 -4.56
C GLN B 394 -26.69 -14.09 -3.54
N LEU B 395 -26.91 -13.76 -2.27
CA LEU B 395 -26.17 -14.39 -1.19
C LEU B 395 -26.73 -15.79 -0.94
N GLY B 396 -26.00 -16.56 -0.13
CA GLY B 396 -26.39 -17.94 0.10
C GLY B 396 -27.52 -18.12 1.09
N GLY B 397 -27.73 -17.16 1.98
CA GLY B 397 -28.80 -17.28 2.96
C GLY B 397 -28.49 -16.44 4.18
N VAL B 398 -29.08 -16.85 5.31
CA VAL B 398 -28.97 -16.13 6.56
C VAL B 398 -28.52 -17.10 7.65
N MET B 399 -27.80 -16.56 8.63
CA MET B 399 -27.38 -17.29 9.82
C MET B 399 -27.76 -16.45 11.02
N PHE B 400 -28.03 -17.09 12.16
CA PHE B 400 -28.35 -16.31 13.34
C PHE B 400 -27.85 -16.98 14.61
N TRP B 401 -27.53 -16.14 15.58
CA TRP B 401 -27.15 -16.54 16.92
C TRP B 401 -28.09 -15.87 17.91
N HIS B 402 -28.86 -16.67 18.66
CA HIS B 402 -28.98 -18.11 18.48
C HIS B 402 -30.43 -18.52 18.74
N LEU B 403 -30.73 -19.80 18.50
CA LEU B 403 -32.12 -20.27 18.55
C LEU B 403 -32.79 -19.99 19.88
N GLY B 404 -32.05 -20.05 20.99
CA GLY B 404 -32.65 -19.87 22.29
C GLY B 404 -33.06 -18.47 22.63
N GLN B 405 -32.76 -17.49 21.78
CA GLN B 405 -33.08 -16.10 22.02
C GLN B 405 -34.33 -15.63 21.28
N ASP B 406 -34.85 -16.43 20.36
CA ASP B 406 -36.13 -16.13 19.73
C ASP B 406 -37.24 -16.18 20.80
N ASN B 407 -38.39 -15.59 20.47
CA ASN B 407 -39.50 -15.68 21.40
C ASN B 407 -40.08 -17.08 21.36
N ARG B 408 -41.04 -17.36 22.25
CA ARG B 408 -41.54 -18.73 22.36
C ARG B 408 -42.23 -19.20 21.10
N ASN B 409 -42.86 -18.29 20.36
CA ASN B 409 -43.50 -18.65 19.11
C ASN B 409 -42.52 -18.78 17.94
N GLY B 410 -41.25 -18.45 18.15
CA GLY B 410 -40.30 -18.50 17.05
C GLY B 410 -40.56 -17.49 15.95
N ASP B 411 -40.97 -16.28 16.32
CA ASP B 411 -41.39 -15.29 15.32
C ASP B 411 -40.23 -14.83 14.45
N LEU B 412 -39.04 -14.69 15.03
CA LEU B 412 -37.90 -14.23 14.24
C LEU B 412 -37.54 -15.25 13.17
N LEU B 413 -37.41 -16.53 13.56
CA LEU B 413 -37.14 -17.58 12.59
C LEU B 413 -38.25 -17.70 11.56
N ALA B 414 -39.51 -17.61 12.01
CA ALA B 414 -40.63 -17.70 11.07
C ALA B 414 -40.60 -16.57 10.06
N ALA B 415 -40.18 -15.37 10.49
CA ALA B 415 -40.10 -14.24 9.57
C ALA B 415 -39.05 -14.48 8.49
N LEU B 416 -37.88 -14.96 8.88
CA LEU B 416 -36.82 -15.25 7.91
C LEU B 416 -37.30 -16.26 6.87
N ASP B 417 -37.90 -17.36 7.34
CA ASP B 417 -38.42 -18.36 6.41
C ASP B 417 -39.50 -17.76 5.51
N ARG B 418 -40.36 -16.92 6.08
CA ARG B 418 -41.44 -16.31 5.31
C ARG B 418 -40.88 -15.43 4.19
N TYR B 419 -39.88 -14.60 4.51
CA TYR B 419 -39.37 -13.64 3.53
C TYR B 419 -38.66 -14.34 2.37
N PHE B 420 -38.10 -15.52 2.61
CA PHE B 420 -37.47 -16.29 1.54
C PHE B 420 -38.45 -17.16 0.77
N ASN B 421 -39.44 -17.77 1.45
CA ASN B 421 -40.16 -18.89 0.87
C ASN B 421 -41.68 -18.74 0.78
N ALA B 422 -42.28 -17.80 1.51
CA ALA B 422 -43.73 -17.72 1.55
C ALA B 422 -44.30 -17.18 0.24
N ALA B 423 -45.24 -17.93 -0.34
CA ALA B 423 -45.89 -17.49 -1.57
C ALA B 423 -46.73 -16.23 -1.37
N ASP B 424 -47.18 -15.96 -0.16
CA ASP B 424 -48.03 -14.81 0.10
C ASP B 424 -47.28 -13.63 0.70
N TYR B 425 -45.94 -13.65 0.63
CA TYR B 425 -45.11 -12.51 1.00
C TYR B 425 -44.49 -11.92 -0.27
N ASP B 426 -44.59 -10.61 -0.42
CA ASP B 426 -44.16 -9.92 -1.64
C ASP B 426 -43.38 -8.67 -1.24
N ASP B 427 -42.06 -8.71 -1.36
CA ASP B 427 -41.22 -7.56 -1.03
C ASP B 427 -40.76 -6.80 -2.27
N SER B 428 -41.43 -6.99 -3.41
CA SER B 428 -40.99 -6.37 -4.65
C SER B 428 -40.99 -4.85 -4.56
N GLN B 429 -41.86 -4.27 -3.73
CA GLN B 429 -41.94 -2.82 -3.60
C GLN B 429 -41.29 -2.31 -2.31
N LEU B 430 -40.64 -3.18 -1.54
CA LEU B 430 -39.99 -2.74 -0.33
C LEU B 430 -38.84 -1.80 -0.67
N ASP B 431 -38.88 -0.59 -0.12
CA ASP B 431 -37.91 0.45 -0.45
C ASP B 431 -36.69 0.31 0.44
N MET B 432 -35.54 0.02 -0.17
CA MET B 432 -34.31 -0.22 0.59
C MET B 432 -33.67 1.07 1.11
N GLY B 433 -34.26 2.22 0.83
CA GLY B 433 -33.85 3.45 1.47
C GLY B 433 -32.62 4.08 0.85
N THR B 434 -32.19 5.18 1.46
CA THR B 434 -31.07 5.97 0.97
C THR B 434 -29.88 5.94 1.93
N GLY B 435 -29.78 4.91 2.78
CA GLY B 435 -28.61 4.75 3.61
C GLY B 435 -27.35 4.57 2.79
N LEU B 436 -26.20 4.79 3.44
CA LEU B 436 -24.92 4.77 2.74
C LEU B 436 -24.56 3.35 2.33
N ARG B 437 -24.32 3.15 1.05
CA ARG B 437 -23.80 1.90 0.52
C ARG B 437 -22.27 1.90 0.55
N TYR B 438 -21.69 0.72 0.68
CA TYR B 438 -20.25 0.57 0.56
C TYR B 438 -19.89 0.57 -0.93
N THR B 439 -19.12 1.57 -1.35
CA THR B 439 -18.83 1.82 -2.76
C THR B 439 -17.38 1.49 -3.14
N GLY B 440 -16.67 0.75 -2.29
CA GLY B 440 -15.30 0.40 -2.61
C GLY B 440 -15.23 -0.47 -3.85
N VAL B 441 -14.15 -0.31 -4.61
CA VAL B 441 -13.93 -1.05 -5.84
C VAL B 441 -12.61 -1.79 -5.75
N GLY B 442 -12.64 -3.10 -6.00
CA GLY B 442 -11.47 -3.93 -5.97
C GLY B 442 -11.41 -4.86 -7.17
N PRO B 443 -10.48 -5.81 -7.15
CA PRO B 443 -10.32 -6.70 -8.32
C PRO B 443 -11.55 -7.54 -8.61
N GLY B 444 -12.36 -7.85 -7.59
CA GLY B 444 -13.52 -8.69 -7.81
C GLY B 444 -14.75 -7.98 -8.30
N ASN B 445 -14.75 -6.64 -8.32
CA ASN B 445 -15.90 -5.90 -8.79
C ASN B 445 -15.46 -4.74 -9.69
N LEU B 446 -14.45 -4.96 -10.51
CA LEU B 446 -14.07 -3.94 -11.49
C LEU B 446 -15.11 -3.90 -12.60
N PRO B 447 -15.58 -2.71 -13.00
CA PRO B 447 -16.62 -2.62 -14.03
C PRO B 447 -16.07 -2.94 -15.41
N ILE B 448 -16.98 -3.36 -16.28
CA ILE B 448 -16.65 -3.49 -17.70
C ILE B 448 -16.48 -2.09 -18.28
N MET B 449 -15.41 -1.89 -19.04
CA MET B 449 -15.13 -0.59 -19.64
C MET B 449 -14.62 -0.79 -21.06
N THR B 450 -14.68 0.28 -21.84
CA THR B 450 -14.19 0.28 -23.22
C THR B 450 -13.21 1.42 -23.41
N ALA B 451 -12.13 1.13 -24.13
CA ALA B 451 -11.08 2.12 -24.38
C ALA B 451 -10.30 1.69 -25.60
N PRO B 452 -9.68 2.64 -26.31
CA PRO B 452 -8.81 2.27 -27.43
C PRO B 452 -7.66 1.40 -26.96
N ALA B 453 -7.25 0.46 -27.81
CA ALA B 453 -6.13 -0.40 -27.48
C ALA B 453 -4.87 0.42 -27.28
N TYR B 454 -4.04 -0.01 -26.32
CA TYR B 454 -2.75 0.63 -26.12
C TYR B 454 -1.89 0.50 -27.37
N VAL B 455 -1.17 1.55 -27.70
CA VAL B 455 -0.32 1.58 -28.89
C VAL B 455 1.12 1.80 -28.44
N PRO B 456 1.99 0.80 -28.56
CA PRO B 456 3.39 0.96 -28.14
C PRO B 456 4.06 2.10 -28.90
N GLY B 457 4.85 2.89 -28.16
CA GLY B 457 5.54 4.03 -28.71
C GLY B 457 4.81 5.34 -28.52
N THR B 458 3.56 5.29 -28.09
CA THR B 458 2.77 6.50 -27.88
C THR B 458 3.07 7.10 -26.51
N THR B 459 3.05 8.44 -26.46
CA THR B 459 3.19 9.17 -25.22
C THR B 459 1.82 9.65 -24.78
N TYR B 460 1.37 9.20 -23.61
CA TYR B 460 0.01 9.45 -23.15
C TYR B 460 -0.02 10.57 -22.11
N ALA B 461 -1.08 11.37 -22.17
CA ALA B 461 -1.30 12.41 -21.19
C ALA B 461 -1.96 11.85 -19.94
N GLN B 462 -2.00 12.66 -18.89
CA GLN B 462 -2.65 12.26 -17.65
C GLN B 462 -4.14 12.03 -17.88
N GLY B 463 -4.66 10.95 -17.32
CA GLY B 463 -6.07 10.62 -17.44
C GLY B 463 -6.45 9.83 -18.67
N ALA B 464 -5.48 9.50 -19.53
CA ALA B 464 -5.80 8.72 -20.73
C ALA B 464 -6.23 7.32 -20.35
N LEU B 465 -7.16 6.78 -21.14
CA LEU B 465 -7.69 5.44 -20.95
C LEU B 465 -7.30 4.57 -22.13
N VAL B 466 -6.79 3.37 -21.86
CA VAL B 466 -6.43 2.40 -22.88
C VAL B 466 -6.81 1.01 -22.40
N SER B 467 -7.01 0.10 -23.36
CA SER B 467 -7.22 -1.30 -23.07
C SER B 467 -5.94 -2.08 -23.38
N TYR B 468 -5.59 -3.01 -22.50
CA TYR B 468 -4.35 -3.75 -22.64
C TYR B 468 -4.42 -5.01 -21.79
N GLN B 469 -4.16 -6.16 -22.43
CA GLN B 469 -4.06 -7.45 -21.73
C GLN B 469 -5.25 -7.71 -20.83
N GLY B 470 -6.45 -7.40 -21.32
CA GLY B 470 -7.68 -7.75 -20.63
C GLY B 470 -8.22 -6.71 -19.67
N TYR B 471 -7.54 -5.58 -19.49
CA TYR B 471 -8.00 -4.55 -18.58
C TYR B 471 -8.01 -3.20 -19.28
N VAL B 472 -8.78 -2.26 -18.72
CA VAL B 472 -8.75 -0.87 -19.10
C VAL B 472 -7.92 -0.12 -18.07
N TRP B 473 -6.95 0.68 -18.53
CA TRP B 473 -5.99 1.33 -17.65
C TRP B 473 -6.07 2.84 -17.82
N GLN B 474 -5.80 3.55 -16.73
CA GLN B 474 -5.78 5.01 -16.72
C GLN B 474 -4.43 5.51 -16.21
N THR B 475 -3.90 6.54 -16.88
CA THR B 475 -2.64 7.14 -16.44
C THR B 475 -2.87 8.02 -15.23
N LYS B 476 -1.96 7.93 -14.26
CA LYS B 476 -2.02 8.75 -13.05
C LYS B 476 -1.27 10.05 -13.19
N TRP B 477 -0.39 10.17 -14.18
CA TRP B 477 0.26 11.44 -14.50
C TRP B 477 0.59 11.46 -15.99
N GLY B 478 1.27 12.51 -16.43
CA GLY B 478 1.49 12.77 -17.83
C GLY B 478 2.84 12.27 -18.33
N TYR B 479 3.02 12.39 -19.65
CA TYR B 479 4.24 11.96 -20.34
C TYR B 479 4.54 10.48 -20.04
N ILE B 480 3.59 9.63 -20.39
CA ILE B 480 3.68 8.20 -20.15
C ILE B 480 4.15 7.52 -21.42
N THR B 481 5.33 6.91 -21.36
CA THR B 481 5.90 6.19 -22.49
C THR B 481 6.00 4.70 -22.24
N SER B 482 5.52 4.23 -21.09
CA SER B 482 5.55 2.83 -20.73
C SER B 482 4.23 2.15 -21.08
N ALA B 483 4.26 0.81 -21.10
CA ALA B 483 3.06 0.01 -21.33
C ALA B 483 2.32 -0.22 -20.01
N PRO B 484 0.99 -0.32 -20.07
CA PRO B 484 0.22 -0.58 -18.85
C PRO B 484 0.66 -1.85 -18.15
N GLY B 485 0.68 -1.81 -16.82
CA GLY B 485 1.10 -2.93 -16.01
C GLY B 485 2.59 -3.06 -15.82
N SER B 486 3.39 -2.43 -16.67
CA SER B 486 4.83 -2.47 -16.56
C SER B 486 5.38 -1.33 -15.71
N ASP B 487 4.52 -0.58 -15.04
CA ASP B 487 4.88 0.74 -14.55
C ASP B 487 4.09 1.05 -13.28
N SER B 488 4.50 2.13 -12.62
CA SER B 488 3.70 2.70 -11.54
C SER B 488 2.71 3.73 -12.05
N ALA B 489 2.75 4.07 -13.34
CA ALA B 489 1.98 5.17 -13.88
C ALA B 489 0.55 4.79 -14.27
N TRP B 490 0.27 3.50 -14.45
CA TRP B 490 -1.02 3.04 -14.96
C TRP B 490 -1.85 2.43 -13.84
N LEU B 491 -3.12 2.83 -13.76
CA LEU B 491 -4.06 2.29 -12.79
C LEU B 491 -5.09 1.41 -13.50
N LYS B 492 -5.24 0.18 -13.02
CA LYS B 492 -6.29 -0.72 -13.50
C LYS B 492 -7.64 -0.19 -13.02
N VAL B 493 -8.52 0.17 -13.97
CA VAL B 493 -9.81 0.76 -13.63
C VAL B 493 -10.99 -0.02 -14.17
N GLY B 494 -10.77 -0.96 -15.08
CA GLY B 494 -11.89 -1.71 -15.64
C GLY B 494 -11.41 -2.97 -16.31
N ARG B 495 -12.38 -3.75 -16.78
CA ARG B 495 -12.13 -5.00 -17.46
C ARG B 495 -12.58 -4.89 -18.91
N VAL B 496 -11.89 -5.59 -19.79
CA VAL B 496 -12.24 -5.64 -21.20
C VAL B 496 -13.24 -6.77 -21.40
N ALA B 497 -14.27 -6.52 -22.20
CA ALA B 497 -15.35 -7.48 -22.41
C ALA B 497 -14.84 -8.80 -22.95
#